data_6DFV
#
_entry.id   6DFV
#
_cell.length_a   62.016
_cell.length_b   69.691
_cell.length_c   69.699
_cell.angle_alpha   111.66
_cell.angle_beta   111.03
_cell.angle_gamma   94.86
#
_symmetry.space_group_name_H-M   'P 1'
#
loop_
_entity.id
_entity.type
_entity.pdbx_description
1 polymer 'TCR alpha chain'
2 polymer 'TCR beta chain'
3 non-polymer 1,2-ETHANEDIOL
4 water water
#
loop_
_entity_poly.entity_id
_entity_poly.type
_entity_poly.pdbx_seq_one_letter_code
_entity_poly.pdbx_strand_id
1 'polypeptide(L)'
;MEQVEQLPSILRVQEGSSASINCSYEDSASNYFPWYKQEPGENPKLIIDIRSNMERKQTQGLIVLLDKKAKRFSLHITDT
QPGDSAMYFCAASRRGSGGSNYKLTFGKGTLLTVTPNIQNPDPAVYQLRDSKSSDKSVCLFTDFDSQTNVSQSKDSDVYI
TDKCVLDMRSMDFKSNSAVAWSNKSDFACANAFNNSIIPEDTFFPSPESS
;
A,C
2 'polypeptide(L)'
;MAVTQSPRNKVAVTGGKVTLSCDQTNNHNNMYWYRQDTGHGLRLIHYSYGAGSTEKGDIPDGYKASRPSQKEFSLILELA
TPSQTSVYFCASGGLGGDEQYFGPGTRLTVLEDLKNVFPPEVAVFEPSEAEISHTQKATLVCLATGFYPDHVELSWWVNG
KEVHSGVCTDPQPLKEQPALNDSRYALSSRLRVSATFWQNPRNHFRCQVQFYGLSENDEWTQDRAKPVTQIVSAEAWGRA
D
;
B,D
#
# COMPACT_ATOMS: atom_id res chain seq x y z
N GLU A 2 34.45 -3.21 28.45
CA GLU A 2 34.17 -3.15 26.98
C GLU A 2 33.62 -1.76 26.62
N GLN A 3 34.21 -1.22 25.56
CA GLN A 3 33.89 0.05 25.00
C GLN A 3 33.94 -0.15 23.49
N VAL A 4 32.84 0.15 22.79
CA VAL A 4 32.82 -0.01 21.32
C VAL A 4 32.70 1.36 20.65
N GLU A 5 33.59 1.64 19.71
CA GLU A 5 33.66 2.88 18.98
C GLU A 5 33.18 2.61 17.54
N GLN A 6 32.14 3.37 17.13
CA GLN A 6 31.44 3.21 15.87
C GLN A 6 31.50 4.55 15.12
N LEU A 7 32.01 4.52 13.91
CA LEU A 7 32.17 5.70 13.07
C LEU A 7 31.81 5.36 11.63
N PRO A 8 31.19 6.30 10.91
CA PRO A 8 30.90 7.66 11.33
C PRO A 8 29.57 7.67 12.07
N SER A 9 29.29 8.72 12.81
CA SER A 9 27.96 8.90 13.47
C SER A 9 26.85 9.16 12.44
N ILE A 10 27.20 9.87 11.36
CA ILE A 10 26.25 10.28 10.33
C ILE A 10 26.87 9.93 8.99
N LEU A 11 26.13 9.22 8.16
CA LEU A 11 26.62 8.78 6.87
C LEU A 11 25.53 9.05 5.81
N ARG A 12 25.79 10.05 4.96
CA ARG A 12 24.98 10.36 3.79
C ARG A 12 25.66 9.80 2.54
N VAL A 13 24.94 8.98 1.81
CA VAL A 13 25.48 8.28 0.66
C VAL A 13 24.43 8.30 -0.48
N GLN A 14 24.95 8.47 -1.69
CA GLN A 14 24.07 8.52 -2.86
C GLN A 14 23.70 7.10 -3.29
N GLU A 15 22.40 6.90 -3.58
CA GLU A 15 21.93 5.58 -4.08
C GLU A 15 22.87 5.10 -5.21
N GLY A 16 23.25 3.83 -5.16
CA GLY A 16 24.13 3.23 -6.13
C GLY A 16 25.56 3.18 -5.61
N SER A 17 25.92 4.06 -4.67
CA SER A 17 27.23 3.99 -4.07
C SER A 17 27.25 3.04 -2.85
N SER A 18 28.48 2.67 -2.44
CA SER A 18 28.68 1.85 -1.25
CA SER A 18 28.66 1.85 -1.24
C SER A 18 28.70 2.73 0.01
N ALA A 19 28.34 2.10 1.13
CA ALA A 19 28.49 2.70 2.44
C ALA A 19 29.27 1.75 3.34
N SER A 20 30.11 2.32 4.23
CA SER A 20 30.96 1.50 5.15
C SER A 20 30.86 2.10 6.55
N ILE A 21 30.65 1.27 7.53
CA ILE A 21 30.72 1.63 8.92
C ILE A 21 31.84 0.82 9.55
N ASN A 22 32.67 1.53 10.32
CA ASN A 22 33.84 0.93 11.00
C ASN A 22 33.68 1.04 12.51
N CYS A 23 33.99 -0.10 13.17
CA CYS A 23 33.89 -0.22 14.60
C CYS A 23 35.20 -0.80 15.17
N SER A 24 35.41 -0.52 16.43
CA SER A 24 36.54 -1.06 17.16
C SER A 24 36.08 -1.39 18.57
N TYR A 25 36.75 -2.37 19.19
CA TYR A 25 36.41 -2.82 20.55
C TYR A 25 37.71 -2.94 21.35
N GLU A 26 37.54 -3.07 22.65
CA GLU A 26 38.67 -3.04 23.62
C GLU A 26 39.01 -4.45 24.12
N ASP A 27 38.01 -5.30 24.30
CA ASP A 27 38.17 -6.54 25.09
C ASP A 27 38.46 -7.71 24.14
N SER A 28 39.67 -8.28 24.23
CA SER A 28 40.10 -9.32 23.28
C SER A 28 39.33 -10.62 23.49
N ALA A 29 38.60 -10.71 24.60
CA ALA A 29 37.71 -11.87 24.83
C ALA A 29 36.44 -11.78 23.98
N SER A 30 36.17 -10.62 23.39
CA SER A 30 34.95 -10.51 22.58
C SER A 30 35.05 -11.46 21.39
N ASN A 31 34.02 -12.24 21.15
CA ASN A 31 34.09 -13.13 20.06
C ASN A 31 32.82 -13.12 19.22
N TYR A 32 31.94 -12.15 19.41
CA TYR A 32 30.64 -12.13 18.74
C TYR A 32 30.29 -10.68 18.43
N PHE A 33 29.99 -10.38 17.15
CA PHE A 33 29.93 -9.02 16.67
C PHE A 33 28.70 -8.86 15.76
N PRO A 34 27.55 -8.59 16.38
CA PRO A 34 26.34 -8.37 15.58
C PRO A 34 26.10 -6.91 15.14
N TRP A 35 25.23 -6.83 14.14
CA TRP A 35 24.80 -5.55 13.55
C TRP A 35 23.27 -5.49 13.57
N TYR A 36 22.76 -4.37 14.09
CA TYR A 36 21.33 -4.16 14.21
C TYR A 36 20.95 -2.95 13.31
N LYS A 37 19.81 -3.10 12.63
CA LYS A 37 19.26 -2.04 11.83
C LYS A 37 17.94 -1.62 12.47
N GLN A 38 17.73 -0.30 12.55
CA GLN A 38 16.53 0.26 13.13
C GLN A 38 15.92 1.23 12.10
N GLU A 39 14.83 0.76 11.49
CA GLU A 39 14.14 1.55 10.47
C GLU A 39 13.51 2.76 11.17
N PRO A 40 13.31 3.85 10.41
CA PRO A 40 12.78 5.06 10.99
C PRO A 40 11.48 4.72 11.73
N GLY A 41 11.40 5.14 12.98
CA GLY A 41 10.26 4.95 13.81
C GLY A 41 10.01 3.55 14.32
N GLU A 42 10.93 2.61 14.08
CA GLU A 42 10.73 1.23 14.48
C GLU A 42 11.81 0.79 15.50
N ASN A 43 12.03 -0.50 15.58
CA ASN A 43 12.90 -1.08 16.63
C ASN A 43 14.18 -1.64 16.01
N PRO A 44 15.21 -1.78 16.84
CA PRO A 44 16.42 -2.46 16.32
C PRO A 44 16.14 -3.94 16.01
N LYS A 45 16.70 -4.41 14.91
CA LYS A 45 16.59 -5.80 14.47
C LYS A 45 17.94 -6.27 13.97
N LEU A 46 18.33 -7.44 14.43
CA LEU A 46 19.59 -8.04 13.95
C LEU A 46 19.54 -8.27 12.44
N ILE A 47 20.54 -7.83 11.70
CA ILE A 47 20.55 -8.11 10.25
C ILE A 47 21.70 -9.04 9.83
N ILE A 48 22.83 -8.97 10.52
CA ILE A 48 23.96 -9.82 10.17
C ILE A 48 24.95 -9.82 11.35
N ASP A 49 25.78 -10.80 11.42
CA ASP A 49 26.79 -10.84 12.50
C ASP A 49 28.04 -11.60 12.01
N ILE A 50 29.09 -11.53 12.80
CA ILE A 50 30.30 -12.30 12.54
C ILE A 50 30.89 -12.68 13.90
N ARG A 51 31.62 -13.80 13.89
CA ARG A 51 32.23 -14.32 15.11
C ARG A 51 33.73 -14.43 14.90
N SER A 52 34.47 -14.56 16.02
CA SER A 52 35.93 -14.51 15.96
C SER A 52 36.53 -15.69 15.19
N ASN A 53 35.78 -16.73 14.86
CA ASN A 53 36.30 -17.80 13.98
C ASN A 53 36.23 -17.41 12.49
N MET A 54 35.71 -16.22 12.15
CA MET A 54 35.43 -15.91 10.79
C MET A 54 36.06 -14.56 10.42
N GLU A 55 36.45 -14.41 9.17
CA GLU A 55 37.13 -13.18 8.73
C GLU A 55 36.17 -12.32 7.87
N ARG A 56 35.46 -12.98 6.98
CA ARG A 56 34.57 -12.24 6.04
C ARG A 56 33.30 -13.06 5.83
N LYS A 57 32.13 -12.40 5.85
CA LYS A 57 30.92 -13.06 5.36
C LYS A 57 30.17 -12.07 4.43
N GLN A 58 29.40 -12.65 3.54
CA GLN A 58 28.69 -11.86 2.55
C GLN A 58 27.33 -12.47 2.25
N THR A 59 26.33 -11.57 2.18
CA THR A 59 25.00 -12.00 1.73
C THR A 59 24.21 -10.72 1.32
N GLN A 60 23.43 -10.85 0.23
CA GLN A 60 22.50 -9.82 -0.19
C GLN A 60 23.16 -8.43 -0.29
N GLY A 61 24.34 -8.44 -0.88
CA GLY A 61 25.05 -7.16 -1.09
C GLY A 61 25.70 -6.57 0.16
N LEU A 62 25.63 -7.25 1.34
CA LEU A 62 26.25 -6.80 2.58
C LEU A 62 27.53 -7.62 2.79
N ILE A 63 28.55 -6.96 3.27
CA ILE A 63 29.81 -7.61 3.66
C ILE A 63 30.15 -7.22 5.10
N VAL A 64 30.51 -8.26 5.91
CA VAL A 64 30.96 -7.99 7.24
C VAL A 64 32.37 -8.52 7.32
N LEU A 65 33.22 -7.69 7.91
CA LEU A 65 34.65 -8.08 8.11
C LEU A 65 34.99 -7.99 9.60
N LEU A 66 35.89 -8.90 10.00
CA LEU A 66 36.46 -8.86 11.32
C LEU A 66 37.97 -8.99 11.20
N ASP A 67 38.70 -8.03 11.78
CA ASP A 67 40.18 -8.13 11.95
C ASP A 67 40.49 -8.20 13.45
N LYS A 68 40.45 -9.45 13.94
CA LYS A 68 40.50 -9.79 15.36
C LYS A 68 41.80 -9.26 15.98
N LYS A 69 42.87 -9.23 15.18
CA LYS A 69 44.22 -8.83 15.71
C LYS A 69 44.19 -7.34 16.08
N ALA A 70 43.58 -6.51 15.21
CA ALA A 70 43.50 -5.08 15.44
C ALA A 70 42.26 -4.69 16.25
N LYS A 71 41.43 -5.65 16.66
CA LYS A 71 40.12 -5.42 17.30
C LYS A 71 39.25 -4.42 16.48
N ARG A 72 39.22 -4.63 15.17
CA ARG A 72 38.38 -3.83 14.27
C ARG A 72 37.36 -4.72 13.53
N PHE A 73 36.19 -4.16 13.24
CA PHE A 73 35.19 -4.87 12.45
C PHE A 73 34.33 -3.84 11.68
N SER A 74 33.73 -4.31 10.62
CA SER A 74 33.03 -3.37 9.73
C SER A 74 31.85 -4.02 9.00
N LEU A 75 30.98 -3.09 8.52
CA LEU A 75 29.84 -3.45 7.68
C LEU A 75 29.95 -2.64 6.40
N HIS A 76 29.74 -3.29 5.26
CA HIS A 76 29.77 -2.62 3.98
C HIS A 76 28.47 -2.97 3.26
N ILE A 77 27.77 -1.93 2.82
CA ILE A 77 26.54 -2.10 2.03
C ILE A 77 26.89 -1.69 0.61
N THR A 78 26.82 -2.63 -0.31
CA THR A 78 27.04 -2.34 -1.68
C THR A 78 25.71 -1.88 -2.31
N ASP A 79 25.82 -1.02 -3.29
CA ASP A 79 24.70 -0.54 -4.09
C ASP A 79 23.57 -0.06 -3.17
N THR A 80 23.82 0.99 -2.41
CA THR A 80 22.79 1.46 -1.47
C THR A 80 21.53 1.90 -2.22
N GLN A 81 20.42 1.74 -1.52
CA GLN A 81 19.07 2.18 -1.98
C GLN A 81 18.32 2.82 -0.81
N PRO A 82 17.18 3.54 -1.09
CA PRO A 82 16.45 4.17 0.00
C PRO A 82 16.08 3.18 1.12
N GLY A 83 15.80 1.92 0.74
CA GLY A 83 15.42 0.89 1.73
C GLY A 83 16.50 0.67 2.78
N ASP A 84 17.71 1.18 2.54
CA ASP A 84 18.83 1.02 3.49
C ASP A 84 18.93 2.15 4.53
N SER A 85 18.21 3.26 4.33
CA SER A 85 18.20 4.37 5.25
C SER A 85 17.65 3.91 6.59
N ALA A 86 18.44 4.06 7.65
CA ALA A 86 18.10 3.54 8.98
C ALA A 86 19.19 3.99 9.97
N MET A 87 18.94 3.73 11.24
CA MET A 87 20.03 3.77 12.25
C MET A 87 20.65 2.36 12.32
N TYR A 88 21.95 2.31 12.29
CA TYR A 88 22.70 1.02 12.40
C TYR A 88 23.51 1.02 13.70
N PHE A 89 23.57 -0.14 14.38
CA PHE A 89 24.35 -0.25 15.56
C PHE A 89 25.26 -1.46 15.44
N CYS A 90 26.54 -1.30 15.72
CA CYS A 90 27.39 -2.50 15.85
C CYS A 90 27.50 -2.82 17.32
N ALA A 91 27.96 -4.06 17.64
CA ALA A 91 28.11 -4.44 18.99
C ALA A 91 29.21 -5.50 19.10
N ALA A 92 29.66 -5.67 20.34
CA ALA A 92 30.66 -6.66 20.71
C ALA A 92 30.19 -7.37 21.98
N SER A 93 30.40 -8.67 21.99
CA SER A 93 29.98 -9.51 23.13
C SER A 93 31.02 -10.60 23.34
N ARG A 94 31.22 -11.14 24.53
CA ARG A 94 31.73 -12.54 24.48
C ARG A 94 30.48 -13.38 24.20
N ARG A 95 30.53 -14.60 23.66
CA ARG A 95 29.27 -15.37 23.77
C ARG A 95 29.46 -16.88 23.85
N GLY A 96 28.36 -17.55 24.27
CA GLY A 96 28.20 -19.03 24.29
C GLY A 96 27.67 -19.52 25.65
N GLY A 99 27.50 -22.41 29.42
CA GLY A 99 26.16 -22.04 29.86
C GLY A 99 26.22 -20.76 30.66
N SER A 100 26.74 -19.72 30.03
CA SER A 100 26.80 -18.35 30.60
C SER A 100 26.25 -17.35 29.56
N ASN A 101 25.80 -16.20 30.08
CA ASN A 101 25.50 -15.01 29.25
C ASN A 101 26.64 -14.01 29.45
N TYR A 102 27.00 -13.28 28.40
CA TYR A 102 28.01 -12.17 28.46
C TYR A 102 27.34 -10.89 27.93
N LYS A 103 27.72 -9.76 28.50
CA LYS A 103 27.21 -8.45 28.12
C LYS A 103 27.25 -8.24 26.58
N LEU A 104 26.16 -7.75 26.00
CA LEU A 104 26.21 -7.12 24.64
C LEU A 104 26.52 -5.62 24.74
N THR A 105 27.61 -5.14 24.18
CA THR A 105 27.98 -3.73 24.27
C THR A 105 27.77 -3.09 22.90
N PHE A 106 26.88 -2.11 22.82
CA PHE A 106 26.63 -1.43 21.54
C PHE A 106 27.53 -0.20 21.32
N GLY A 107 27.84 0.02 20.04
CA GLY A 107 28.32 1.33 19.53
C GLY A 107 27.23 2.38 19.63
N LYS A 108 27.60 3.62 19.43
CA LYS A 108 26.65 4.72 19.61
C LYS A 108 25.74 4.87 18.38
N GLY A 109 26.00 4.15 17.31
CA GLY A 109 25.10 4.19 16.17
C GLY A 109 25.64 5.01 15.01
N THR A 110 25.15 4.64 13.84
CA THR A 110 25.35 5.39 12.60
C THR A 110 24.00 5.64 11.95
N LEU A 111 23.70 6.92 11.68
CA LEU A 111 22.46 7.27 10.97
C LEU A 111 22.82 7.37 9.49
N LEU A 112 22.34 6.41 8.73
CA LEU A 112 22.64 6.33 7.32
C LEU A 112 21.43 6.84 6.52
N THR A 113 21.69 7.85 5.73
CA THR A 113 20.68 8.40 4.89
C THR A 113 21.11 8.20 3.43
N VAL A 114 20.28 7.54 2.63
CA VAL A 114 20.56 7.34 1.23
C VAL A 114 19.85 8.42 0.41
N THR A 115 20.59 9.07 -0.48
CA THR A 115 20.07 10.21 -1.23
C THR A 115 19.89 9.84 -2.71
N PRO A 116 19.06 10.60 -3.44
CA PRO A 116 18.78 10.24 -4.79
C PRO A 116 19.96 10.61 -5.70
N ASN A 117 20.13 9.77 -6.70
CA ASN A 117 21.05 9.97 -7.79
C ASN A 117 20.33 10.74 -8.91
N ILE A 118 20.57 12.04 -8.96
CA ILE A 118 19.93 12.96 -9.94
C ILE A 118 20.87 13.09 -11.14
N GLN A 119 20.51 12.42 -12.24
CA GLN A 119 21.32 12.29 -13.46
C GLN A 119 21.41 13.65 -14.17
N ASN A 120 20.25 14.29 -14.33
CA ASN A 120 20.14 15.53 -15.12
C ASN A 120 19.39 16.56 -14.27
N PRO A 121 20.08 17.16 -13.33
CA PRO A 121 19.50 18.13 -12.43
C PRO A 121 19.01 19.36 -13.19
N ASP A 122 18.03 20.03 -12.63
CA ASP A 122 17.40 21.20 -13.25
C ASP A 122 16.88 22.05 -12.09
N PRO A 123 17.80 22.53 -11.25
CA PRO A 123 17.47 23.24 -10.02
C PRO A 123 16.57 24.45 -10.36
N ALA A 124 15.57 24.64 -9.51
CA ALA A 124 14.55 25.63 -9.79
C ALA A 124 13.69 25.85 -8.52
N VAL A 125 13.10 27.03 -8.43
CA VAL A 125 12.32 27.46 -7.28
C VAL A 125 10.91 27.81 -7.73
N TYR A 126 9.94 27.30 -7.00
CA TYR A 126 8.53 27.42 -7.36
C TYR A 126 7.75 28.03 -6.19
N GLN A 127 6.62 28.65 -6.51
CA GLN A 127 5.71 29.16 -5.50
C GLN A 127 4.46 28.31 -5.55
N LEU A 128 3.97 27.87 -4.39
CA LEU A 128 2.77 27.03 -4.33
C LEU A 128 1.75 27.72 -3.41
N ARG A 129 0.44 27.67 -3.76
CA ARG A 129 -0.60 28.27 -2.92
C ARG A 129 -1.35 27.20 -2.10
N ASP A 130 -1.80 27.60 -0.90
CA ASP A 130 -2.62 26.73 -0.04
C ASP A 130 -3.84 26.26 -0.83
N SER A 131 -4.20 24.99 -0.64
CA SER A 131 -5.38 24.40 -1.32
C SER A 131 -6.67 25.05 -0.80
N LYS A 132 -6.63 25.69 0.37
CA LYS A 132 -7.78 26.12 1.14
C LYS A 132 -7.91 27.64 1.16
N SER A 133 -6.80 28.33 1.42
CA SER A 133 -6.84 29.72 1.94
C SER A 133 -5.94 30.62 1.09
N SER A 134 -6.59 31.60 0.48
CA SER A 134 -6.03 32.93 0.36
C SER A 134 -4.71 32.92 -0.43
N ASP A 135 -3.77 33.79 -0.04
CA ASP A 135 -2.39 33.54 -0.39
C ASP A 135 -1.57 33.38 0.91
N LYS A 136 -1.92 32.34 1.67
CA LYS A 136 -0.89 31.58 2.31
C LYS A 136 -0.20 30.79 1.17
N SER A 137 1.11 30.80 1.24
CA SER A 137 2.04 30.44 0.15
C SER A 137 3.25 29.70 0.75
N VAL A 138 3.94 28.86 -0.02
CA VAL A 138 5.26 28.40 0.29
C VAL A 138 6.13 28.46 -0.96
N CYS A 139 7.46 28.57 -0.76
CA CYS A 139 8.46 28.39 -1.82
C CYS A 139 9.05 26.98 -1.75
N LEU A 140 9.25 26.38 -2.92
CA LEU A 140 9.80 25.07 -3.05
C LEU A 140 11.05 25.15 -3.93
N PHE A 141 12.18 24.68 -3.38
CA PHE A 141 13.41 24.53 -4.14
C PHE A 141 13.52 23.05 -4.50
N THR A 142 13.68 22.72 -5.79
CA THR A 142 13.68 21.27 -6.13
C THR A 142 14.56 21.03 -7.36
N ASP A 143 14.72 19.76 -7.63
CA ASP A 143 15.41 19.22 -8.82
C ASP A 143 16.90 19.52 -8.78
N PHE A 144 17.42 19.76 -7.58
CA PHE A 144 18.87 19.94 -7.39
C PHE A 144 19.49 18.58 -7.03
N ASP A 145 20.79 18.45 -7.31
CA ASP A 145 21.43 17.13 -7.07
C ASP A 145 21.70 16.95 -5.58
N SER A 146 21.99 15.70 -5.16
CA SER A 146 22.12 15.37 -3.71
C SER A 146 23.44 15.84 -3.13
N GLN A 147 24.33 16.40 -3.93
CA GLN A 147 25.58 16.98 -3.43
C GLN A 147 25.38 18.48 -3.24
N THR A 148 24.22 19.03 -3.60
CA THR A 148 23.90 20.47 -3.32
C THR A 148 23.60 20.66 -1.83
N ASN A 149 24.14 21.70 -1.19
CA ASN A 149 23.79 22.04 0.23
C ASN A 149 22.76 23.17 0.20
N VAL A 150 21.85 23.16 1.15
CA VAL A 150 20.77 24.12 1.20
C VAL A 150 21.05 25.16 2.29
N SER A 151 21.23 26.42 1.90
CA SER A 151 21.63 27.51 2.80
C SER A 151 21.07 27.81 4.21
N GLN A 152 19.83 27.48 4.53
CA GLN A 152 19.28 27.85 5.85
C GLN A 152 19.15 29.36 6.00
N SER A 153 18.08 29.74 6.68
CA SER A 153 17.65 31.12 6.86
C SER A 153 18.57 32.29 7.12
N LYS A 154 18.62 32.71 8.36
CA LYS A 154 19.40 33.93 8.76
C LYS A 154 18.47 34.99 9.36
N ASP A 155 17.16 34.73 9.50
CA ASP A 155 16.19 35.77 9.94
C ASP A 155 14.94 35.14 10.57
N SER A 156 14.56 35.65 11.74
CA SER A 156 13.52 35.00 12.59
C SER A 156 12.14 35.03 11.92
N ASP A 157 12.05 35.58 10.71
CA ASP A 157 10.78 35.74 10.00
C ASP A 157 10.71 34.83 8.77
N VAL A 158 11.83 34.23 8.33
CA VAL A 158 11.82 33.35 7.19
C VAL A 158 12.23 31.97 7.70
N TYR A 159 11.42 30.97 7.39
CA TYR A 159 11.72 29.55 7.74
C TYR A 159 12.18 28.80 6.49
N ILE A 160 13.29 28.12 6.62
CA ILE A 160 13.79 27.30 5.54
C ILE A 160 14.10 25.94 6.14
N THR A 161 13.45 24.91 5.61
CA THR A 161 13.70 23.55 6.06
C THR A 161 15.06 23.07 5.56
N ASP A 162 15.58 22.03 6.22
CA ASP A 162 16.68 21.29 5.65
C ASP A 162 16.12 20.50 4.47
N LYS A 163 16.98 19.94 3.65
CA LYS A 163 16.46 19.15 2.59
C LYS A 163 15.81 17.87 3.17
N CYS A 164 14.77 17.41 2.45
CA CYS A 164 14.00 16.27 2.97
C CYS A 164 14.78 14.97 2.76
N VAL A 165 14.29 13.92 3.43
CA VAL A 165 14.87 12.58 3.18
C VAL A 165 13.82 11.70 2.53
N LEU A 166 14.24 10.96 1.52
CA LEU A 166 13.28 10.06 0.81
C LEU A 166 12.61 9.11 1.80
N ASP A 167 11.36 8.84 1.57
CA ASP A 167 10.67 7.72 2.23
C ASP A 167 11.44 6.45 1.87
N MET A 168 11.75 5.63 2.86
CA MET A 168 12.59 4.52 2.55
C MET A 168 11.89 3.47 1.69
N ARG A 169 10.53 3.53 1.54
CA ARG A 169 9.83 2.64 0.67
CA ARG A 169 9.83 2.65 0.67
C ARG A 169 9.57 3.26 -0.72
N SER A 170 10.12 4.44 -0.98
CA SER A 170 9.96 5.09 -2.26
C SER A 170 10.56 4.24 -3.38
N MET A 171 9.83 4.03 -4.46
CA MET A 171 10.34 3.23 -5.59
C MET A 171 10.62 4.12 -6.82
N ASP A 172 10.11 5.31 -6.87
CA ASP A 172 10.07 6.13 -8.13
C ASP A 172 9.96 7.59 -7.70
N PHE A 173 10.16 8.54 -8.66
CA PHE A 173 9.92 9.98 -8.39
C PHE A 173 10.72 10.46 -7.19
N LYS A 174 11.98 10.06 -7.11
CA LYS A 174 12.87 10.44 -6.08
C LYS A 174 13.60 11.73 -6.46
N SER A 175 13.25 12.80 -5.77
CA SER A 175 13.90 14.05 -6.01
C SER A 175 14.17 14.75 -4.67
N ASN A 176 15.12 15.66 -4.74
CA ASN A 176 15.44 16.48 -3.57
C ASN A 176 14.57 17.74 -3.52
N SER A 177 14.30 18.19 -2.31
CA SER A 177 13.60 19.45 -2.19
C SER A 177 13.78 20.03 -0.79
N ALA A 178 13.58 21.33 -0.73
CA ALA A 178 13.45 22.02 0.52
C ALA A 178 12.36 23.09 0.37
N VAL A 179 11.82 23.53 1.48
CA VAL A 179 10.73 24.48 1.46
C VAL A 179 11.10 25.74 2.27
N ALA A 180 10.59 26.88 1.85
CA ALA A 180 10.76 28.11 2.60
C ALA A 180 9.39 28.77 2.77
N TRP A 181 9.12 29.37 3.93
CA TRP A 181 7.88 30.14 4.06
C TRP A 181 8.04 31.29 5.07
N SER A 182 7.14 32.28 5.09
CA SER A 182 7.52 33.53 5.82
C SER A 182 6.44 34.05 6.78
N ASN A 183 5.29 34.46 6.24
CA ASN A 183 4.30 35.16 7.06
C ASN A 183 4.47 36.69 6.99
N LYS A 184 5.62 37.20 6.56
CA LYS A 184 5.77 38.62 6.19
C LYS A 184 5.17 38.87 4.79
N SER A 185 6.00 38.62 3.77
CA SER A 185 5.65 38.44 2.33
C SER A 185 5.05 39.69 1.65
N ASP A 186 5.83 40.76 1.36
CA ASP A 186 7.09 41.24 2.01
C ASP A 186 8.27 40.26 1.89
N PHE A 187 8.17 39.31 0.95
CA PHE A 187 9.08 38.14 0.87
C PHE A 187 8.77 37.39 -0.42
N ALA A 188 9.71 37.45 -1.37
CA ALA A 188 9.55 36.79 -2.67
C ALA A 188 10.36 35.48 -2.71
N CYS A 189 9.90 34.57 -3.55
CA CYS A 189 10.52 33.29 -3.60
C CYS A 189 11.89 33.41 -4.27
N ALA A 190 12.10 34.37 -5.18
CA ALA A 190 13.42 34.44 -5.87
C ALA A 190 14.55 34.67 -4.85
N ASN A 191 14.21 35.36 -3.76
CA ASN A 191 15.17 35.69 -2.68
C ASN A 191 15.48 34.48 -1.79
N ALA A 192 14.49 33.57 -1.71
CA ALA A 192 14.19 32.80 -0.52
C ALA A 192 15.37 31.91 -0.13
N PHE A 193 15.97 31.29 -1.12
CA PHE A 193 17.01 30.34 -0.84
C PHE A 193 18.36 31.06 -0.86
N ALA B 2 7.02 -13.23 20.29
CA ALA B 2 6.99 -11.75 20.09
C ALA B 2 7.36 -11.03 21.40
N VAL B 3 7.65 -9.74 21.28
CA VAL B 3 7.87 -8.91 22.38
C VAL B 3 6.98 -7.66 22.21
N THR B 4 6.18 -7.39 23.22
CA THR B 4 5.24 -6.23 23.16
C THR B 4 5.51 -5.31 24.35
N GLN B 5 5.15 -4.04 24.14
CA GLN B 5 5.35 -3.01 25.14
C GLN B 5 4.10 -2.17 25.24
N SER B 6 3.92 -1.70 26.44
CA SER B 6 2.80 -0.82 26.74
C SER B 6 3.22 0.20 27.82
N PRO B 7 2.82 1.47 27.69
CA PRO B 7 2.14 2.05 26.57
C PRO B 7 3.15 2.26 25.44
N ARG B 8 2.70 2.57 24.26
CA ARG B 8 3.54 2.85 23.14
C ARG B 8 3.94 4.33 23.13
N ASN B 9 3.04 5.19 23.63
CA ASN B 9 3.26 6.65 23.63
C ASN B 9 2.65 7.20 24.91
N LYS B 10 3.38 8.07 25.60
CA LYS B 10 2.90 8.63 26.85
C LYS B 10 3.51 10.02 27.09
N VAL B 11 2.65 10.96 27.43
CA VAL B 11 3.13 12.22 27.94
C VAL B 11 2.80 12.25 29.44
N ALA B 12 3.81 12.48 30.29
CA ALA B 12 3.66 12.49 31.77
C ALA B 12 4.09 13.84 32.34
N VAL B 13 3.68 14.14 33.57
CA VAL B 13 4.19 15.39 34.22
C VAL B 13 5.24 15.01 35.29
N THR B 14 6.24 15.86 35.41
CA THR B 14 7.21 15.77 36.45
C THR B 14 6.57 15.43 37.80
N GLY B 15 7.12 14.41 38.47
CA GLY B 15 6.65 14.04 39.79
C GLY B 15 5.70 12.85 39.77
N GLY B 16 5.11 12.54 38.60
CA GLY B 16 4.18 11.43 38.49
C GLY B 16 4.93 10.09 38.48
N LYS B 17 4.20 9.01 38.70
CA LYS B 17 4.75 7.67 38.61
C LYS B 17 4.43 7.15 37.21
N VAL B 18 5.41 6.57 36.52
CA VAL B 18 5.17 5.96 35.23
C VAL B 18 5.69 4.51 35.31
N THR B 19 4.87 3.57 34.78
CA THR B 19 5.27 2.19 34.64
C THR B 19 5.27 1.79 33.16
N LEU B 20 6.38 1.30 32.67
CA LEU B 20 6.44 0.69 31.32
C LEU B 20 6.46 -0.84 31.44
N SER B 21 5.58 -1.46 30.68
CA SER B 21 5.42 -2.97 30.71
C SER B 21 5.92 -3.58 29.41
N CYS B 22 6.64 -4.68 29.61
CA CYS B 22 7.12 -5.53 28.53
C CYS B 22 6.63 -6.96 28.76
N ASP B 23 6.05 -7.54 27.73
CA ASP B 23 5.58 -8.92 27.76
C ASP B 23 6.22 -9.65 26.57
N GLN B 24 6.72 -10.87 26.83
CA GLN B 24 7.31 -11.66 25.77
C GLN B 24 6.64 -13.04 25.71
N THR B 25 6.56 -13.57 24.51
CA THR B 25 6.01 -14.91 24.33
C THR B 25 7.11 -15.81 23.77
N ASN B 26 8.38 -15.48 24.00
CA ASN B 26 9.51 -16.26 23.44
C ASN B 26 10.01 -17.34 24.44
N ASN B 27 9.49 -17.37 25.67
CA ASN B 27 10.01 -18.24 26.74
C ASN B 27 11.52 -18.02 26.92
N HIS B 28 11.94 -16.76 26.82
CA HIS B 28 13.35 -16.36 26.96
C HIS B 28 13.67 -16.00 28.41
N ASN B 29 14.79 -16.54 28.91
CA ASN B 29 15.24 -16.30 30.26
C ASN B 29 15.64 -14.83 30.47
N ASN B 30 16.23 -14.19 29.47
CA ASN B 30 16.88 -12.89 29.63
C ASN B 30 15.97 -11.77 29.11
N MET B 31 15.87 -10.71 29.87
CA MET B 31 15.15 -9.50 29.37
C MET B 31 15.95 -8.26 29.74
N TYR B 32 15.70 -7.17 28.98
CA TYR B 32 16.53 -5.99 29.01
C TYR B 32 15.64 -4.75 28.85
N TRP B 33 15.98 -3.65 29.52
CA TRP B 33 15.40 -2.34 29.28
C TRP B 33 16.50 -1.36 28.87
N TYR B 34 16.29 -0.73 27.73
CA TYR B 34 17.18 0.24 27.18
C TYR B 34 16.44 1.55 27.00
N ARG B 35 17.21 2.64 26.99
CA ARG B 35 16.71 3.89 26.42
C ARG B 35 17.61 4.28 25.26
N GLN B 36 17.01 4.99 24.33
CA GLN B 36 17.73 5.45 23.16
C GLN B 36 17.62 6.97 23.08
N ASP B 37 18.76 7.65 22.97
CA ASP B 37 18.79 9.14 22.86
C ASP B 37 19.84 9.54 21.84
N THR B 38 19.54 10.56 21.03
CA THR B 38 20.45 11.05 20.01
C THR B 38 21.86 11.27 20.56
N GLY B 39 22.84 10.68 19.87
CA GLY B 39 24.23 10.82 20.25
C GLY B 39 24.67 9.83 21.33
N HIS B 40 23.74 9.17 22.02
CA HIS B 40 24.13 8.27 23.14
C HIS B 40 23.87 6.80 22.81
N GLY B 41 23.26 6.49 21.68
CA GLY B 41 23.02 5.12 21.30
C GLY B 41 21.95 4.45 22.15
N LEU B 42 22.14 3.17 22.37
CA LEU B 42 21.26 2.39 23.20
C LEU B 42 21.94 2.15 24.54
N ARG B 43 21.34 2.59 25.63
CA ARG B 43 21.95 2.44 26.89
C ARG B 43 21.08 1.54 27.77
N LEU B 44 21.74 0.56 28.37
CA LEU B 44 21.07 -0.43 29.20
C LEU B 44 20.78 0.15 30.60
N ILE B 45 19.52 0.10 31.04
CA ILE B 45 19.08 0.63 32.30
C ILE B 45 19.10 -0.48 33.37
N HIS B 46 18.39 -1.56 33.08
CA HIS B 46 18.30 -2.72 33.98
C HIS B 46 18.11 -3.94 33.11
N TYR B 47 18.48 -5.10 33.65
CA TYR B 47 18.25 -6.32 32.91
C TYR B 47 17.90 -7.43 33.91
N SER B 48 17.61 -8.60 33.35
CA SER B 48 17.25 -9.75 34.16
C SER B 48 17.65 -11.04 33.46
N TYR B 49 18.27 -11.95 34.25
CA TYR B 49 18.68 -13.24 33.69
C TYR B 49 17.69 -14.33 34.15
N GLY B 50 16.57 -13.97 34.75
CA GLY B 50 15.53 -14.94 35.02
C GLY B 50 14.48 -14.39 35.97
N ALA B 51 13.32 -15.04 35.95
CA ALA B 51 12.18 -14.69 36.82
C ALA B 51 12.66 -14.52 38.25
N GLY B 52 12.21 -13.43 38.89
CA GLY B 52 12.48 -13.17 40.30
C GLY B 52 13.85 -12.56 40.55
N SER B 53 14.53 -12.08 39.51
CA SER B 53 15.80 -11.37 39.67
C SER B 53 15.88 -10.25 38.65
N THR B 54 16.62 -9.20 39.04
CA THR B 54 17.01 -8.14 38.14
C THR B 54 18.38 -7.66 38.58
N GLU B 55 19.07 -6.99 37.69
CA GLU B 55 20.36 -6.39 37.96
C GLU B 55 20.43 -5.02 37.28
N LYS B 56 21.25 -4.14 37.88
CA LYS B 56 21.46 -2.77 37.38
C LYS B 56 22.31 -2.85 36.09
N GLY B 57 21.87 -2.05 35.11
CA GLY B 57 22.62 -1.86 33.91
C GLY B 57 23.63 -0.76 34.10
N ASP B 58 23.96 -0.10 33.00
CA ASP B 58 24.95 1.03 33.02
C ASP B 58 24.31 2.31 33.59
N ILE B 59 22.99 2.53 33.42
CA ILE B 59 22.38 3.81 33.86
C ILE B 59 21.08 3.54 34.62
N PRO B 60 21.18 2.80 35.71
CA PRO B 60 20.01 2.47 36.51
C PRO B 60 19.37 3.63 37.27
N ASP B 61 20.10 4.72 37.50
CA ASP B 61 19.63 5.73 38.45
C ASP B 61 18.29 6.33 37.98
N GLY B 62 17.32 6.39 38.89
CA GLY B 62 15.98 6.97 38.64
C GLY B 62 14.91 5.95 38.25
N TYR B 63 15.34 4.69 38.10
CA TYR B 63 14.51 3.64 37.54
C TYR B 63 14.60 2.44 38.48
N LYS B 64 13.50 1.75 38.65
CA LYS B 64 13.53 0.41 39.24
C LYS B 64 13.01 -0.60 38.20
N ALA B 65 13.34 -1.87 38.37
CA ALA B 65 12.82 -2.87 37.49
C ALA B 65 12.25 -4.04 38.30
N SER B 66 11.33 -4.74 37.66
CA SER B 66 10.60 -5.83 38.30
C SER B 66 10.41 -6.96 37.27
N ARG B 67 10.85 -8.18 37.66
CA ARG B 67 10.72 -9.36 36.81
C ARG B 67 9.94 -10.43 37.59
N PRO B 68 8.61 -10.28 37.67
CA PRO B 68 7.83 -11.17 38.50
C PRO B 68 7.72 -12.61 37.95
N SER B 69 7.89 -12.81 36.65
CA SER B 69 7.64 -14.04 35.91
C SER B 69 8.60 -14.07 34.69
N GLN B 70 8.68 -15.22 34.03
CA GLN B 70 9.40 -15.35 32.80
C GLN B 70 8.90 -14.33 31.76
N LYS B 71 7.58 -14.20 31.61
CA LYS B 71 7.08 -13.44 30.49
C LYS B 71 7.14 -11.92 30.74
N GLU B 72 7.19 -11.41 31.97
CA GLU B 72 6.94 -9.94 32.22
C GLU B 72 8.17 -9.23 32.80
N PHE B 73 8.47 -8.05 32.26
CA PHE B 73 9.55 -7.25 32.79
C PHE B 73 9.11 -5.79 32.79
N SER B 74 9.01 -5.19 33.97
N SER B 74 9.00 -5.19 33.96
CA SER B 74 8.49 -3.82 34.13
CA SER B 74 8.48 -3.82 34.11
C SER B 74 9.64 -2.87 34.50
C SER B 74 9.63 -2.87 34.50
N LEU B 75 9.52 -1.64 34.00
CA LEU B 75 10.41 -0.56 34.35
C LEU B 75 9.57 0.50 35.06
N ILE B 76 10.02 0.88 36.24
CA ILE B 76 9.24 1.79 37.13
C ILE B 76 10.00 3.10 37.31
N LEU B 77 9.33 4.21 36.95
CA LEU B 77 9.80 5.56 37.26
C LEU B 77 8.98 6.10 38.44
N GLU B 78 9.55 6.09 39.64
CA GLU B 78 8.79 6.39 40.87
C GLU B 78 8.42 7.88 40.91
N LEU B 79 9.24 8.70 40.26
CA LEU B 79 9.25 10.13 40.31
C LEU B 79 9.81 10.63 38.96
N ALA B 80 8.93 10.76 37.97
CA ALA B 80 9.31 11.01 36.58
C ALA B 80 9.91 12.41 36.47
N THR B 81 10.97 12.52 35.73
CA THR B 81 11.64 13.80 35.60
C THR B 81 11.91 14.03 34.12
N PRO B 82 12.08 15.29 33.73
CA PRO B 82 12.26 15.63 32.30
C PRO B 82 13.40 14.87 31.60
N SER B 83 14.50 14.58 32.31
CA SER B 83 15.60 13.84 31.65
C SER B 83 15.19 12.40 31.32
N GLN B 84 14.04 11.94 31.82
CA GLN B 84 13.55 10.59 31.49
C GLN B 84 12.76 10.61 30.17
N THR B 85 12.59 11.80 29.54
CA THR B 85 12.13 11.86 28.20
C THR B 85 13.04 11.07 27.26
N SER B 86 12.47 10.12 26.53
CA SER B 86 13.27 9.16 25.73
C SER B 86 12.38 8.19 24.97
N VAL B 87 13.02 7.35 24.16
CA VAL B 87 12.43 6.19 23.58
C VAL B 87 13.00 4.97 24.33
N TYR B 88 12.13 4.16 24.91
CA TYR B 88 12.50 2.99 25.65
C TYR B 88 12.17 1.71 24.88
N PHE B 89 13.11 0.76 24.90
CA PHE B 89 12.92 -0.53 24.27
C PHE B 89 13.21 -1.60 25.28
N CYS B 90 12.32 -2.58 25.30
CA CYS B 90 12.53 -3.87 26.01
C CYS B 90 13.09 -4.85 24.99
N ALA B 91 13.81 -5.85 25.45
CA ALA B 91 14.27 -6.85 24.55
C ALA B 91 14.34 -8.17 25.33
N SER B 92 14.29 -9.29 24.60
CA SER B 92 14.43 -10.61 25.22
C SER B 92 15.59 -11.32 24.51
N GLY B 93 16.18 -12.28 25.22
CA GLY B 93 17.16 -13.17 24.62
C GLY B 93 17.24 -14.47 25.38
N GLY B 94 17.75 -15.47 24.70
CA GLY B 94 17.81 -16.80 25.33
C GLY B 94 19.11 -16.98 26.09
N LEU B 95 19.05 -17.84 27.11
CA LEU B 95 20.22 -18.40 27.79
C LEU B 95 21.22 -18.94 26.73
N GLY B 96 22.46 -18.47 26.77
CA GLY B 96 23.52 -18.88 25.81
C GLY B 96 23.54 -18.06 24.53
N GLY B 97 22.56 -17.18 24.30
CA GLY B 97 22.70 -16.01 23.35
C GLY B 97 21.93 -16.27 22.08
N ASP B 98 22.31 -15.69 20.96
CA ASP B 98 23.04 -14.44 20.89
C ASP B 98 22.12 -13.28 20.44
N GLU B 99 21.06 -13.49 19.65
CA GLU B 99 20.23 -12.36 19.23
C GLU B 99 19.49 -11.78 20.44
N GLN B 100 19.37 -10.44 20.47
CA GLN B 100 18.39 -9.81 21.36
C GLN B 100 17.21 -9.38 20.47
N TYR B 101 16.01 -9.68 20.96
CA TYR B 101 14.82 -9.44 20.18
C TYR B 101 14.10 -8.27 20.82
N PHE B 102 13.97 -7.17 20.06
CA PHE B 102 13.50 -5.94 20.65
C PHE B 102 11.97 -5.79 20.47
N GLY B 103 11.33 -5.21 21.48
CA GLY B 103 9.98 -4.70 21.42
C GLY B 103 9.90 -3.49 20.51
N PRO B 104 8.65 -2.95 20.33
CA PRO B 104 8.43 -1.94 19.36
C PRO B 104 8.74 -0.51 19.80
N GLY B 105 8.96 -0.32 21.09
CA GLY B 105 9.38 0.98 21.64
C GLY B 105 8.23 1.71 22.33
N THR B 106 8.56 2.45 23.35
CA THR B 106 7.67 3.36 24.06
C THR B 106 8.32 4.73 23.98
N ARG B 107 7.59 5.70 23.44
CA ARG B 107 8.04 7.10 23.45
C ARG B 107 7.42 7.75 24.68
N LEU B 108 8.29 8.22 25.58
CA LEU B 108 7.85 8.92 26.80
C LEU B 108 8.39 10.37 26.82
N THR B 109 7.46 11.32 26.99
CA THR B 109 7.86 12.69 27.25
C THR B 109 7.39 13.06 28.65
N VAL B 110 8.32 13.54 29.47
CA VAL B 110 8.00 14.05 30.77
C VAL B 110 8.13 15.59 30.72
N LEU B 111 7.01 16.26 30.95
CA LEU B 111 6.96 17.70 30.90
C LEU B 111 6.80 18.28 32.30
N GLU B 112 7.18 19.55 32.39
CA GLU B 112 7.01 20.34 33.60
C GLU B 112 5.51 20.51 33.84
N ASP B 113 4.78 20.86 32.78
CA ASP B 113 3.33 21.05 32.82
C ASP B 113 2.73 20.85 31.42
N LEU B 114 1.42 20.62 31.38
CA LEU B 114 0.76 20.27 30.12
C LEU B 114 0.29 21.53 29.34
N LYS B 115 0.58 22.72 29.85
CA LYS B 115 0.06 23.96 29.23
C LYS B 115 0.70 24.20 27.86
N ASN B 116 1.88 23.64 27.55
CA ASN B 116 2.49 23.96 26.25
C ASN B 116 2.13 22.90 25.22
N VAL B 117 1.28 21.93 25.53
CA VAL B 117 0.96 20.84 24.57
C VAL B 117 -0.09 21.37 23.55
N PHE B 118 0.24 21.28 22.28
CA PHE B 118 -0.60 21.73 21.18
C PHE B 118 -0.57 20.73 20.02
N PRO B 119 -1.76 20.35 19.50
CA PRO B 119 -1.73 19.57 18.26
C PRO B 119 -1.29 20.41 17.05
N PRO B 120 -0.95 19.76 15.94
CA PRO B 120 -0.56 20.51 14.76
C PRO B 120 -1.79 21.11 14.05
N GLU B 121 -1.52 22.22 13.38
CA GLU B 121 -2.34 22.65 12.24
C GLU B 121 -1.65 22.15 10.97
N VAL B 122 -2.47 21.72 10.01
CA VAL B 122 -1.96 21.11 8.78
C VAL B 122 -2.55 21.81 7.55
N ALA B 123 -1.67 22.05 6.59
CA ALA B 123 -2.10 22.65 5.32
C ALA B 123 -1.41 21.93 4.17
N VAL B 124 -2.13 21.82 3.04
CA VAL B 124 -1.58 21.32 1.80
C VAL B 124 -1.53 22.44 0.76
N PHE B 125 -0.40 22.52 0.08
CA PHE B 125 -0.12 23.54 -0.96
C PHE B 125 -0.05 22.86 -2.32
N GLU B 126 -0.76 23.43 -3.31
CA GLU B 126 -0.99 22.77 -4.62
C GLU B 126 0.21 23.03 -5.56
N PRO B 127 0.46 22.11 -6.47
CA PRO B 127 1.58 22.22 -7.38
C PRO B 127 1.57 23.52 -8.21
N SER B 128 2.76 23.98 -8.53
CA SER B 128 2.97 25.19 -9.37
C SER B 128 2.76 24.88 -10.86
N GLU B 129 2.07 25.81 -11.59
CA GLU B 129 1.88 25.65 -13.07
C GLU B 129 3.26 25.64 -13.73
N ALA B 130 4.21 26.40 -13.14
CA ALA B 130 5.58 26.51 -13.72
C ALA B 130 6.33 25.16 -13.64
N GLU B 131 6.12 24.43 -12.54
CA GLU B 131 6.77 23.13 -12.38
C GLU B 131 6.23 22.15 -13.43
N ILE B 132 4.90 22.18 -13.53
CA ILE B 132 4.19 21.33 -14.44
C ILE B 132 4.65 21.56 -15.87
N SER B 133 4.75 22.79 -16.32
CA SER B 133 5.11 23.01 -17.72
C SER B 133 6.57 22.63 -17.98
N HIS B 134 7.46 22.86 -17.00
CA HIS B 134 8.87 22.61 -17.21
C HIS B 134 9.23 21.12 -17.09
N THR B 135 8.55 20.40 -16.20
CA THR B 135 9.02 19.07 -15.74
C THR B 135 8.00 17.97 -16.03
N GLN B 136 6.72 18.34 -16.30
CA GLN B 136 5.67 17.31 -16.48
C GLN B 136 5.40 16.59 -15.15
N LYS B 137 5.85 17.19 -14.04
CA LYS B 137 5.64 16.65 -12.71
C LYS B 137 4.98 17.71 -11.84
N ALA B 138 4.38 17.21 -10.76
CA ALA B 138 3.65 18.08 -9.82
C ALA B 138 3.99 17.72 -8.36
N THR B 139 4.56 18.66 -7.62
CA THR B 139 4.87 18.47 -6.19
C THR B 139 3.81 19.18 -5.31
N LEU B 140 3.14 18.41 -4.45
CA LEU B 140 2.33 18.92 -3.33
C LEU B 140 3.23 19.07 -2.10
N VAL B 141 2.98 20.09 -1.32
CA VAL B 141 3.67 20.31 -0.05
C VAL B 141 2.67 20.25 1.09
N CYS B 142 3.02 19.52 2.14
CA CYS B 142 2.27 19.52 3.37
C CYS B 142 3.11 20.20 4.45
N LEU B 143 2.48 21.05 5.25
CA LEU B 143 3.11 21.76 6.38
C LEU B 143 2.28 21.51 7.61
N ALA B 144 2.92 20.98 8.63
CA ALA B 144 2.34 20.85 9.94
C ALA B 144 3.06 21.84 10.88
N THR B 145 2.31 22.65 11.62
CA THR B 145 2.86 23.75 12.34
C THR B 145 2.21 23.82 13.72
N GLY B 146 2.94 24.42 14.66
CA GLY B 146 2.42 24.78 15.96
C GLY B 146 2.29 23.60 16.91
N PHE B 147 2.95 22.45 16.70
CA PHE B 147 2.72 21.32 17.59
C PHE B 147 3.85 21.19 18.65
N TYR B 148 3.47 20.58 19.76
CA TYR B 148 4.36 20.30 20.88
C TYR B 148 3.68 19.24 21.76
N PRO B 149 4.34 18.14 22.11
CA PRO B 149 5.76 17.93 21.88
C PRO B 149 6.11 17.55 20.43
N ASP B 150 7.37 17.16 20.17
CA ASP B 150 7.98 17.34 18.86
C ASP B 150 7.77 16.11 17.99
N HIS B 151 6.99 15.16 18.45
CA HIS B 151 6.86 13.95 17.64
C HIS B 151 5.49 13.83 16.90
N VAL B 152 5.55 13.80 15.58
CA VAL B 152 4.41 13.44 14.77
C VAL B 152 4.79 12.34 13.76
N GLU B 153 3.82 11.66 13.18
CA GLU B 153 4.03 10.80 12.03
C GLU B 153 3.19 11.34 10.86
N LEU B 154 3.86 11.75 9.80
CA LEU B 154 3.19 12.26 8.63
C LEU B 154 3.12 11.19 7.54
N SER B 155 1.94 11.06 6.93
CA SER B 155 1.76 10.11 5.84
C SER B 155 0.90 10.75 4.74
N TRP B 156 1.14 10.30 3.54
CA TRP B 156 0.36 10.70 2.37
C TRP B 156 -0.57 9.57 1.88
N TRP B 157 -1.77 10.02 1.51
CA TRP B 157 -2.83 9.14 1.10
C TRP B 157 -3.37 9.61 -0.24
N VAL B 158 -3.38 8.72 -1.19
CA VAL B 158 -3.94 8.99 -2.53
C VAL B 158 -5.14 8.09 -2.77
N ASN B 159 -6.29 8.70 -3.01
CA ASN B 159 -7.54 7.93 -3.29
C ASN B 159 -7.73 6.83 -2.25
N GLY B 160 -7.43 7.18 -1.01
CA GLY B 160 -7.75 6.30 0.14
C GLY B 160 -6.65 5.28 0.47
N LYS B 161 -5.54 5.28 -0.29
CA LYS B 161 -4.40 4.35 0.03
C LYS B 161 -3.12 5.10 0.37
N GLU B 162 -2.38 4.56 1.37
CA GLU B 162 -1.09 5.21 1.70
C GLU B 162 -0.09 5.01 0.56
N VAL B 163 0.66 6.06 0.26
CA VAL B 163 1.70 5.96 -0.76
C VAL B 163 3.09 6.26 -0.15
N HIS B 164 4.12 5.82 -0.87
CA HIS B 164 5.50 6.01 -0.47
C HIS B 164 6.33 6.57 -1.62
N SER B 165 6.03 6.15 -2.86
CA SER B 165 6.75 6.67 -3.99
C SER B 165 6.44 8.18 -4.14
N GLY B 166 7.47 8.94 -4.43
CA GLY B 166 7.36 10.36 -4.56
C GLY B 166 7.28 11.08 -3.24
N VAL B 167 7.39 10.39 -2.11
CA VAL B 167 7.30 11.03 -0.81
C VAL B 167 8.72 11.33 -0.27
N CYS B 168 8.87 12.51 0.27
CA CYS B 168 10.14 13.01 0.85
C CYS B 168 9.73 13.86 2.08
N THR B 169 10.27 13.62 3.27
CA THR B 169 9.82 14.22 4.52
C THR B 169 11.04 14.75 5.26
N ASP B 170 10.89 15.91 5.90
CA ASP B 170 11.96 16.39 6.77
C ASP B 170 12.28 15.33 7.83
N PRO B 171 13.58 15.10 8.03
CA PRO B 171 14.13 14.15 9.00
C PRO B 171 13.72 14.52 10.42
N GLN B 172 13.63 15.83 10.70
CA GLN B 172 13.37 16.33 12.03
C GLN B 172 12.48 17.57 11.93
N PRO B 173 11.61 17.76 12.92
CA PRO B 173 10.88 19.04 12.98
C PRO B 173 11.78 20.24 13.30
N LEU B 174 11.41 21.43 12.82
CA LEU B 174 12.21 22.61 13.15
C LEU B 174 11.46 23.43 14.21
N LYS B 175 12.26 24.09 15.05
CA LYS B 175 11.72 24.96 16.12
C LYS B 175 11.22 26.25 15.48
N GLU B 176 9.97 26.60 15.76
CA GLU B 176 9.41 27.84 15.24
C GLU B 176 10.02 29.05 15.95
N GLN B 177 10.40 28.91 17.21
CA GLN B 177 11.09 30.02 17.92
C GLN B 177 12.36 29.45 18.55
N PRO B 178 13.47 29.45 17.78
CA PRO B 178 14.63 28.62 18.14
C PRO B 178 15.32 29.07 19.45
N ALA B 179 15.17 30.34 19.81
CA ALA B 179 15.76 30.89 21.03
C ALA B 179 15.01 30.41 22.28
N LEU B 180 13.99 29.52 22.19
CA LEU B 180 13.24 29.14 23.41
C LEU B 180 13.24 27.61 23.59
N ASN B 181 13.37 27.23 24.86
CA ASN B 181 13.32 25.85 25.35
C ASN B 181 11.92 25.28 25.10
N ASP B 182 10.94 26.20 25.15
CA ASP B 182 9.50 25.97 25.13
C ASP B 182 8.93 25.88 23.68
N SER B 183 9.75 26.16 22.64
CA SER B 183 9.24 26.40 21.24
C SER B 183 8.35 25.27 20.77
N ARG B 184 7.37 25.66 19.99
CA ARG B 184 6.57 24.72 19.24
C ARG B 184 7.28 24.40 17.92
N TYR B 185 6.77 23.39 17.22
CA TYR B 185 7.50 22.77 16.10
C TYR B 185 6.69 22.80 14.81
N ALA B 186 7.40 22.75 13.69
CA ALA B 186 6.82 22.56 12.34
C ALA B 186 7.56 21.42 11.62
N LEU B 187 6.86 20.80 10.67
CA LEU B 187 7.46 19.74 9.84
C LEU B 187 6.87 19.81 8.43
N SER B 188 7.66 19.62 7.39
CA SER B 188 7.13 19.63 6.01
C SER B 188 7.39 18.27 5.34
N SER B 189 6.56 17.97 4.38
CA SER B 189 6.70 16.78 3.56
C SER B 189 6.28 17.14 2.13
N ARG B 190 6.82 16.47 1.16
CA ARG B 190 6.50 16.67 -0.23
C ARG B 190 5.94 15.35 -0.79
N LEU B 191 4.89 15.42 -1.65
CA LEU B 191 4.53 14.29 -2.50
C LEU B 191 4.64 14.73 -3.96
N ARG B 192 5.43 14.00 -4.76
CA ARG B 192 5.52 14.32 -6.18
C ARG B 192 4.83 13.25 -7.02
N VAL B 193 3.99 13.73 -7.97
CA VAL B 193 3.30 12.85 -8.86
C VAL B 193 3.45 13.36 -10.29
N SER B 194 2.95 12.60 -11.25
CA SER B 194 3.00 13.03 -12.64
C SER B 194 2.01 14.20 -12.79
N ALA B 195 2.33 15.13 -13.67
CA ALA B 195 1.42 16.25 -13.96
C ALA B 195 0.02 15.71 -14.31
N THR B 196 -0.04 14.65 -15.12
CA THR B 196 -1.33 14.20 -15.60
C THR B 196 -2.12 13.65 -14.42
N PHE B 197 -1.47 13.07 -13.41
CA PHE B 197 -2.23 12.52 -12.29
C PHE B 197 -2.80 13.67 -11.44
N TRP B 198 -1.97 14.69 -11.23
CA TRP B 198 -2.40 15.89 -10.52
C TRP B 198 -3.56 16.58 -11.28
N GLN B 199 -3.51 16.57 -12.60
CA GLN B 199 -4.48 17.33 -13.42
C GLN B 199 -5.81 16.59 -13.53
N ASN B 200 -5.98 15.43 -12.92
CA ASN B 200 -7.21 14.76 -12.98
C ASN B 200 -8.05 15.14 -11.74
N PRO B 201 -9.28 15.70 -11.93
CA PRO B 201 -10.05 16.19 -10.77
C PRO B 201 -10.74 15.10 -9.96
N ARG B 202 -10.57 13.84 -10.36
CA ARG B 202 -11.12 12.73 -9.59
C ARG B 202 -10.07 12.14 -8.64
N ASN B 203 -8.87 12.66 -8.69
CA ASN B 203 -7.81 12.24 -7.71
C ASN B 203 -7.85 13.13 -6.46
N HIS B 204 -7.80 12.46 -5.32
CA HIS B 204 -7.90 12.97 -4.00
C HIS B 204 -6.56 12.76 -3.26
N PHE B 205 -6.03 13.80 -2.67
CA PHE B 205 -4.75 13.76 -2.01
C PHE B 205 -4.92 14.18 -0.56
N ARG B 206 -4.32 13.43 0.42
CA ARG B 206 -4.48 13.82 1.80
C ARG B 206 -3.15 13.71 2.53
N CYS B 207 -2.74 14.79 3.21
CA CYS B 207 -1.59 14.73 4.16
C CYS B 207 -2.18 14.44 5.55
N GLN B 208 -1.78 13.32 6.17
CA GLN B 208 -2.26 12.93 7.47
C GLN B 208 -1.13 13.11 8.51
N VAL B 209 -1.43 13.76 9.64
CA VAL B 209 -0.47 13.90 10.72
C VAL B 209 -1.04 13.30 12.00
N GLN B 210 -0.47 12.15 12.40
CA GLN B 210 -0.73 11.59 13.69
C GLN B 210 0.12 12.37 14.71
N PHE B 211 -0.57 12.99 15.65
CA PHE B 211 -0.01 13.67 16.76
C PHE B 211 -0.18 12.84 18.04
N TYR B 212 0.85 12.88 18.89
CA TYR B 212 0.81 12.22 20.17
C TYR B 212 0.84 13.27 21.28
N GLY B 213 -0.22 13.22 22.07
CA GLY B 213 -0.43 14.22 23.11
C GLY B 213 -1.01 13.60 24.36
N LEU B 214 -2.01 14.28 24.93
CA LEU B 214 -2.65 13.85 26.17
C LEU B 214 -3.55 12.63 25.90
N SER B 215 -3.81 11.88 26.98
CA SER B 215 -4.71 10.74 26.90
C SER B 215 -6.09 11.13 27.46
N GLU B 216 -7.07 10.20 27.38
CA GLU B 216 -8.46 10.45 27.82
C GLU B 216 -8.56 10.45 29.35
N ASN B 217 -7.71 9.76 30.10
CA ASN B 217 -7.74 9.88 31.57
C ASN B 217 -6.78 10.98 32.02
N ASP B 218 -6.63 12.09 31.27
CA ASP B 218 -5.76 13.24 31.67
C ASP B 218 -6.63 14.44 32.02
N GLU B 219 -6.24 15.11 33.09
CA GLU B 219 -6.96 16.28 33.57
C GLU B 219 -6.64 17.46 32.66
N TRP B 220 -7.60 18.34 32.45
CA TRP B 220 -7.38 19.47 31.56
C TRP B 220 -8.20 20.67 32.05
N THR B 221 -7.54 21.78 32.40
CA THR B 221 -8.29 22.95 32.86
C THR B 221 -7.84 24.23 32.15
N GLN B 222 -8.26 24.32 30.90
CA GLN B 222 -8.02 25.50 30.06
C GLN B 222 -9.18 25.67 29.08
N ASP B 223 -9.33 26.90 28.57
CA ASP B 223 -10.46 27.27 27.70
C ASP B 223 -10.19 26.88 26.24
N ARG B 224 -9.45 25.80 25.99
CA ARG B 224 -9.19 25.33 24.64
C ARG B 224 -9.35 23.79 24.63
N ALA B 225 -9.47 23.25 23.41
CA ALA B 225 -9.70 21.79 23.29
C ALA B 225 -8.51 21.08 23.94
N LYS B 226 -8.82 20.12 24.82
CA LYS B 226 -7.80 19.14 25.36
C LYS B 226 -6.96 18.53 24.23
N PRO B 227 -5.65 18.76 24.23
CA PRO B 227 -4.78 18.38 23.11
C PRO B 227 -4.40 16.88 23.17
N VAL B 228 -5.40 16.04 22.91
CA VAL B 228 -5.28 14.62 22.92
C VAL B 228 -4.52 14.16 21.67
N THR B 229 -3.87 12.99 21.81
CA THR B 229 -3.52 12.16 20.69
C THR B 229 -4.67 12.15 19.66
N GLN B 230 -4.33 12.47 18.41
CA GLN B 230 -5.32 12.71 17.34
C GLN B 230 -4.64 12.76 15.97
N ILE B 231 -5.44 12.60 14.94
CA ILE B 231 -5.00 12.82 13.61
C ILE B 231 -5.55 14.18 13.15
N VAL B 232 -4.67 14.95 12.54
CA VAL B 232 -5.08 16.14 11.87
C VAL B 232 -4.69 16.00 10.41
N SER B 233 -5.63 16.28 9.50
CA SER B 233 -5.35 16.10 8.06
C SER B 233 -5.68 17.37 7.26
N ALA B 234 -5.07 17.47 6.08
CA ALA B 234 -5.52 18.44 5.05
C ALA B 234 -5.57 17.73 3.71
N GLU B 235 -6.37 18.24 2.79
CA GLU B 235 -6.61 17.47 1.56
C GLU B 235 -6.77 18.43 0.38
N ALA B 236 -6.56 17.87 -0.80
CA ALA B 236 -6.64 18.60 -2.05
C ALA B 236 -7.08 17.63 -3.16
N TRP B 237 -7.88 18.17 -4.07
CA TRP B 237 -8.32 17.38 -5.24
C TRP B 237 -7.48 17.86 -6.42
N GLY B 238 -7.30 16.95 -7.39
CA GLY B 238 -6.60 17.30 -8.61
C GLY B 238 -7.36 18.41 -9.31
N ARG B 239 -6.67 19.20 -10.11
CA ARG B 239 -7.26 20.40 -10.77
C ARG B 239 -7.05 20.28 -12.27
N ALA B 240 -8.16 20.34 -13.02
CA ALA B 240 -8.23 20.08 -14.48
C ALA B 240 -7.49 21.17 -15.26
N ASP B 241 -7.46 22.40 -14.74
CA ASP B 241 -6.42 23.43 -15.15
C ASP B 241 -6.46 24.63 -14.19
N GLN C 3 -36.40 -2.47 -20.89
CA GLN C 3 -36.89 -1.05 -20.63
CA GLN C 3 -36.88 -1.11 -20.60
C GLN C 3 -35.69 -0.11 -20.69
N VAL C 4 -34.48 -0.43 -20.23
CA VAL C 4 -33.33 0.54 -20.37
C VAL C 4 -32.26 -0.07 -21.29
N GLU C 5 -31.85 0.63 -22.33
CA GLU C 5 -30.85 0.17 -23.25
C GLU C 5 -29.58 1.02 -23.02
N GLN C 6 -28.47 0.33 -22.81
CA GLN C 6 -27.18 0.92 -22.46
C GLN C 6 -26.13 0.47 -23.46
N LEU C 7 -25.47 1.43 -24.11
CA LEU C 7 -24.47 1.14 -25.14
C LEU C 7 -23.29 2.11 -24.99
N PRO C 8 -22.08 1.68 -25.30
CA PRO C 8 -21.76 0.36 -25.79
C PRO C 8 -21.59 -0.59 -24.60
N SER C 9 -21.60 -1.87 -24.88
CA SER C 9 -21.35 -2.91 -23.83
C SER C 9 -19.89 -2.88 -23.36
N ILE C 10 -18.99 -2.57 -24.28
CA ILE C 10 -17.58 -2.61 -24.02
C ILE C 10 -17.00 -1.29 -24.51
N LEU C 11 -16.23 -0.63 -23.66
CA LEU C 11 -15.62 0.63 -24.03
C LEU C 11 -14.13 0.57 -23.63
N ARG C 12 -13.25 0.47 -24.63
CA ARG C 12 -11.79 0.54 -24.39
C ARG C 12 -11.32 1.91 -24.85
N VAL C 13 -10.70 2.62 -23.92
CA VAL C 13 -10.35 4.00 -24.14
C VAL C 13 -8.93 4.23 -23.63
N GLN C 14 -8.16 4.90 -24.46
CA GLN C 14 -6.83 5.27 -24.11
C GLN C 14 -6.85 6.44 -23.10
N GLU C 15 -6.01 6.31 -22.07
CA GLU C 15 -5.91 7.34 -21.02
C GLU C 15 -5.72 8.69 -21.71
N GLY C 16 -6.46 9.68 -21.22
CA GLY C 16 -6.40 11.05 -21.74
C GLY C 16 -7.57 11.29 -22.68
N SER C 17 -8.12 10.25 -23.30
CA SER C 17 -9.29 10.40 -24.12
C SER C 17 -10.59 10.41 -23.29
N SER C 18 -11.69 10.87 -23.94
CA SER C 18 -12.98 10.81 -23.29
C SER C 18 -13.65 9.45 -23.48
N ALA C 19 -14.57 9.16 -22.60
CA ALA C 19 -15.46 8.01 -22.72
C ALA C 19 -16.91 8.50 -22.56
N SER C 20 -17.82 7.93 -23.36
CA SER C 20 -19.25 8.26 -23.33
C SER C 20 -20.06 6.98 -23.30
N ILE C 21 -21.04 6.94 -22.42
CA ILE C 21 -22.02 5.89 -22.42
C ILE C 21 -23.39 6.52 -22.69
N ASN C 22 -24.13 5.89 -23.58
CA ASN C 22 -25.50 6.36 -24.00
C ASN C 22 -26.54 5.31 -23.61
N CYS C 23 -27.56 5.81 -22.90
CA CYS C 23 -28.70 5.03 -22.49
C CYS C 23 -30.01 5.63 -23.05
N SER C 24 -31.00 4.75 -23.13
CA SER C 24 -32.32 5.15 -23.52
C SER C 24 -33.33 4.39 -22.66
N TYR C 25 -34.48 4.97 -22.41
CA TYR C 25 -35.55 4.37 -21.62
C TYR C 25 -36.89 4.47 -22.40
N GLU C 26 -37.85 3.71 -21.90
CA GLU C 26 -39.18 3.55 -22.54
C GLU C 26 -40.27 4.37 -21.86
N ASP C 27 -40.27 4.44 -20.54
CA ASP C 27 -41.42 5.00 -19.79
C ASP C 27 -41.20 6.50 -19.53
N SER C 28 -42.03 7.36 -20.16
CA SER C 28 -41.78 8.78 -20.17
C SER C 28 -42.11 9.37 -18.79
N ALA C 29 -42.71 8.60 -17.91
CA ALA C 29 -42.88 9.02 -16.49
C ALA C 29 -41.59 8.84 -15.68
N SER C 30 -40.57 8.25 -16.26
CA SER C 30 -39.33 8.08 -15.51
C SER C 30 -38.75 9.48 -15.20
N ASN C 31 -38.27 9.68 -14.01
CA ASN C 31 -37.88 10.98 -13.57
C ASN C 31 -36.51 10.94 -12.88
N TYR C 32 -35.90 9.75 -12.69
CA TYR C 32 -34.68 9.67 -11.89
C TYR C 32 -33.72 8.73 -12.59
N PHE C 33 -32.50 9.22 -12.84
CA PHE C 33 -31.55 8.53 -13.72
C PHE C 33 -30.17 8.48 -13.04
N PRO C 34 -29.96 7.49 -12.20
CA PRO C 34 -28.65 7.33 -11.57
C PRO C 34 -27.64 6.50 -12.37
N TRP C 35 -26.38 6.71 -12.01
CA TRP C 35 -25.26 5.96 -12.58
C TRP C 35 -24.44 5.34 -11.43
N TYR C 36 -24.15 4.04 -11.58
CA TYR C 36 -23.45 3.28 -10.59
C TYR C 36 -22.14 2.79 -11.21
N LYS C 37 -21.06 2.87 -10.41
CA LYS C 37 -19.80 2.39 -10.82
C LYS C 37 -19.42 1.21 -9.90
N GLN C 38 -18.95 0.15 -10.54
CA GLN C 38 -18.44 -1.03 -9.81
C GLN C 38 -16.97 -1.30 -10.18
N GLU C 39 -16.10 -1.04 -9.20
CA GLU C 39 -14.67 -1.23 -9.37
C GLU C 39 -14.42 -2.75 -9.44
N PRO C 40 -13.35 -3.15 -10.11
CA PRO C 40 -13.09 -4.50 -10.38
C PRO C 40 -13.05 -5.29 -9.04
N GLY C 41 -13.88 -6.30 -8.97
CA GLY C 41 -13.98 -7.18 -7.85
C GLY C 41 -14.75 -6.63 -6.66
N GLU C 42 -15.40 -5.47 -6.78
CA GLU C 42 -16.12 -4.84 -5.68
C GLU C 42 -17.63 -4.70 -6.03
N ASN C 43 -18.31 -3.72 -5.44
CA ASN C 43 -19.74 -3.61 -5.49
C ASN C 43 -20.15 -2.32 -6.21
N PRO C 44 -21.39 -2.31 -6.70
CA PRO C 44 -21.87 -1.07 -7.30
C PRO C 44 -22.00 0.07 -6.28
N LYS C 45 -21.60 1.27 -6.70
CA LYS C 45 -21.77 2.48 -5.88
C LYS C 45 -22.28 3.63 -6.74
N LEU C 46 -23.25 4.35 -6.22
CA LEU C 46 -23.78 5.52 -6.98
C LEU C 46 -22.67 6.56 -7.18
N ILE C 47 -22.45 7.06 -8.38
CA ILE C 47 -21.42 8.11 -8.55
C ILE C 47 -22.01 9.47 -8.97
N ILE C 48 -23.16 9.43 -9.64
CA ILE C 48 -23.83 10.70 -10.06
C ILE C 48 -25.22 10.35 -10.53
N ASP C 49 -26.08 11.34 -10.59
CA ASP C 49 -27.42 11.09 -11.07
C ASP C 49 -27.94 12.38 -11.72
N ILE C 50 -29.06 12.27 -12.38
CA ILE C 50 -29.76 13.42 -12.92
C ILE C 50 -31.26 13.12 -12.80
N ARG C 51 -32.07 14.17 -12.70
CA ARG C 51 -33.51 14.04 -12.57
C ARG C 51 -34.18 14.81 -13.73
N SER C 52 -35.45 14.52 -13.93
CA SER C 52 -36.38 15.09 -14.92
C SER C 52 -36.34 16.59 -15.03
N ASN C 53 -36.08 17.23 -13.94
CA ASN C 53 -36.04 18.71 -13.91
C ASN C 53 -34.70 19.26 -14.40
N MET C 54 -33.75 18.42 -14.87
CA MET C 54 -32.43 18.93 -15.14
C MET C 54 -31.99 18.44 -16.52
N GLU C 55 -31.19 19.23 -17.21
CA GLU C 55 -30.68 18.88 -18.53
C GLU C 55 -29.21 18.45 -18.48
N ARG C 56 -28.40 19.14 -17.69
CA ARG C 56 -26.97 18.92 -17.73
C ARG C 56 -26.40 19.14 -16.32
N LYS C 57 -25.54 18.22 -15.84
CA LYS C 57 -24.79 18.51 -14.61
C LYS C 57 -23.32 18.12 -14.85
N GLN C 58 -22.45 18.84 -14.22
CA GLN C 58 -21.02 18.54 -14.33
C GLN C 58 -20.26 18.69 -12.99
N THR C 59 -19.34 17.74 -12.77
CA THR C 59 -18.44 17.80 -11.61
C THR C 59 -17.26 16.87 -11.88
N GLN C 60 -16.04 17.31 -11.48
CA GLN C 60 -14.86 16.47 -11.49
C GLN C 60 -14.67 15.76 -12.84
N GLY C 61 -14.90 16.54 -13.89
CA GLY C 61 -14.66 16.04 -15.26
C GLY C 61 -15.70 15.03 -15.74
N LEU C 62 -16.78 14.78 -14.98
CA LEU C 62 -17.93 13.97 -15.40
C LEU C 62 -19.05 14.93 -15.85
N ILE C 63 -19.73 14.55 -16.91
CA ILE C 63 -20.91 15.27 -17.40
C ILE C 63 -22.05 14.26 -17.57
N VAL C 64 -23.23 14.59 -17.00
CA VAL C 64 -24.39 13.82 -17.23
C VAL C 64 -25.37 14.70 -17.98
N LEU C 65 -25.99 14.10 -19.00
CA LEU C 65 -27.00 14.76 -19.84
C LEU C 65 -28.31 13.95 -19.80
N LEU C 66 -29.41 14.67 -19.89
CA LEU C 66 -30.72 14.04 -19.99
C LEU C 66 -31.50 14.79 -21.05
N ASP C 67 -31.92 14.05 -22.07
CA ASP C 67 -32.83 14.65 -23.15
C ASP C 67 -34.16 13.91 -23.04
N LYS C 68 -35.01 14.48 -22.19
CA LYS C 68 -36.25 13.89 -21.74
C LYS C 68 -37.17 13.66 -22.94
N LYS C 69 -37.08 14.52 -23.94
CA LYS C 69 -38.01 14.41 -25.10
C LYS C 69 -37.69 13.15 -25.91
N ALA C 70 -36.39 12.89 -26.11
CA ALA C 70 -35.96 11.70 -26.86
C ALA C 70 -35.84 10.47 -25.95
N LYS C 71 -36.11 10.59 -24.67
CA LYS C 71 -35.87 9.55 -23.64
C LYS C 71 -34.43 8.98 -23.75
N ARG C 72 -33.48 9.89 -23.90
CA ARG C 72 -32.03 9.52 -23.90
C ARG C 72 -31.31 10.19 -22.73
N PHE C 73 -30.28 9.52 -22.22
CA PHE C 73 -29.45 10.15 -21.22
C PHE C 73 -28.04 9.54 -21.33
N SER C 74 -27.06 10.25 -20.84
CA SER C 74 -25.68 9.84 -21.08
C SER C 74 -24.75 10.30 -19.94
N LEU C 75 -23.60 9.61 -19.90
CA LEU C 75 -22.50 9.93 -19.02
C LEU C 75 -21.24 10.12 -19.86
N HIS C 76 -20.48 11.17 -19.58
CA HIS C 76 -19.25 11.48 -20.28
C HIS C 76 -18.15 11.66 -19.24
N ILE C 77 -17.06 10.93 -19.42
CA ILE C 77 -15.88 11.05 -18.55
C ILE C 77 -14.80 11.68 -19.39
N THR C 78 -14.38 12.88 -19.02
CA THR C 78 -13.31 13.54 -19.68
C THR C 78 -11.98 13.09 -19.02
N ASP C 79 -10.96 13.05 -19.82
CA ASP C 79 -9.60 12.76 -19.43
C ASP C 79 -9.54 11.43 -18.67
N THR C 80 -9.86 10.34 -19.31
CA THR C 80 -9.91 9.08 -18.55
C THR C 80 -8.52 8.73 -18.02
N GLN C 81 -8.56 7.99 -16.91
CA GLN C 81 -7.33 7.48 -16.26
C GLN C 81 -7.63 6.06 -15.77
N PRO C 82 -6.58 5.30 -15.38
CA PRO C 82 -6.84 3.94 -14.95
C PRO C 82 -7.87 3.85 -13.83
N GLY C 83 -7.89 4.85 -12.94
CA GLY C 83 -8.84 4.87 -11.80
C GLY C 83 -10.30 4.86 -12.27
N ASP C 84 -10.54 5.10 -13.56
CA ASP C 84 -11.89 5.07 -14.13
C ASP C 84 -12.32 3.68 -14.65
N SER C 85 -11.42 2.73 -14.75
CA SER C 85 -11.71 1.39 -15.27
C SER C 85 -12.66 0.71 -14.30
N ALA C 86 -13.82 0.25 -14.81
CA ALA C 86 -14.86 -0.25 -13.96
C ALA C 86 -16.02 -0.75 -14.81
N MET C 87 -16.94 -1.42 -14.17
CA MET C 87 -18.25 -1.67 -14.80
C MET C 87 -19.16 -0.46 -14.45
N TYR C 88 -19.88 0.05 -15.43
CA TYR C 88 -20.82 1.17 -15.18
C TYR C 88 -22.22 0.73 -15.51
N PHE C 89 -23.21 1.13 -14.72
CA PHE C 89 -24.59 0.81 -15.00
C PHE C 89 -25.39 2.12 -14.99
N CYS C 90 -26.23 2.38 -15.99
CA CYS C 90 -27.20 3.42 -15.84
C CYS C 90 -28.53 2.78 -15.40
N ALA C 91 -29.42 3.60 -14.88
CA ALA C 91 -30.73 3.19 -14.51
C ALA C 91 -31.76 4.29 -14.73
N ALA C 92 -33.02 3.85 -14.79
CA ALA C 92 -34.19 4.73 -14.86
C ALA C 92 -35.22 4.29 -13.82
N SER C 93 -35.83 5.27 -13.19
CA SER C 93 -36.80 5.04 -12.13
C SER C 93 -37.97 6.01 -12.31
N ARG C 94 -39.19 5.59 -11.89
CA ARG C 94 -40.42 6.35 -12.16
C ARG C 94 -41.20 6.69 -10.88
N ARG C 95 -41.42 5.85 -9.89
CA ARG C 95 -42.59 6.23 -8.98
C ARG C 95 -42.64 5.35 -7.74
N GLY C 99 -45.15 8.18 -2.96
CA GLY C 99 -44.40 8.16 -4.28
C GLY C 99 -42.91 8.50 -4.20
N SER C 100 -42.07 7.43 -4.20
CA SER C 100 -40.59 7.47 -4.09
C SER C 100 -39.96 6.86 -5.35
N ASN C 101 -38.62 6.88 -5.49
CA ASN C 101 -37.92 6.09 -6.57
C ASN C 101 -37.25 4.85 -5.96
N TYR C 102 -38.09 3.92 -5.47
CA TYR C 102 -37.58 2.75 -4.69
C TYR C 102 -37.23 1.56 -5.61
N LYS C 103 -37.63 1.61 -6.91
CA LYS C 103 -37.31 0.52 -7.92
C LYS C 103 -36.48 1.10 -9.10
N LEU C 104 -35.31 0.53 -9.32
CA LEU C 104 -34.44 0.98 -10.38
C LEU C 104 -34.49 -0.04 -11.51
N THR C 105 -34.61 0.42 -12.75
CA THR C 105 -34.39 -0.47 -13.89
C THR C 105 -33.00 -0.23 -14.43
N PHE C 106 -32.08 -1.21 -14.28
CA PHE C 106 -30.70 -1.01 -14.75
C PHE C 106 -30.53 -1.45 -16.21
N GLY C 107 -29.64 -0.72 -16.90
CA GLY C 107 -29.03 -1.16 -18.16
C GLY C 107 -28.16 -2.40 -17.95
N LYS C 108 -27.74 -3.01 -19.04
CA LYS C 108 -26.98 -4.24 -18.96
C LYS C 108 -25.51 -3.98 -18.60
N GLY C 109 -25.07 -2.74 -18.55
CA GLY C 109 -23.73 -2.44 -18.13
C GLY C 109 -22.81 -2.10 -19.29
N THR C 110 -21.80 -1.34 -18.96
CA THR C 110 -20.65 -1.04 -19.83
C THR C 110 -19.36 -1.36 -19.06
N LEU C 111 -18.51 -2.17 -19.63
CA LEU C 111 -17.18 -2.45 -19.06
C LEU C 111 -16.21 -1.47 -19.72
N LEU C 112 -15.77 -0.49 -18.97
CA LEU C 112 -14.82 0.47 -19.44
C LEU C 112 -13.42 0.07 -18.98
N THR C 113 -12.55 -0.10 -19.95
CA THR C 113 -11.20 -0.40 -19.69
C THR C 113 -10.34 0.76 -20.18
N VAL C 114 -9.56 1.37 -19.32
CA VAL C 114 -8.66 2.42 -19.72
C VAL C 114 -7.27 1.86 -20.03
N THR C 115 -6.72 2.22 -21.17
CA THR C 115 -5.45 1.62 -21.66
C THR C 115 -4.35 2.67 -21.64
N PRO C 116 -3.09 2.24 -21.60
CA PRO C 116 -2.04 3.19 -21.53
C PRO C 116 -1.81 3.89 -22.87
N ASN C 117 -1.40 5.15 -22.74
CA ASN C 117 -0.99 6.00 -23.81
C ASN C 117 0.52 5.87 -24.00
N ILE C 118 0.94 5.04 -24.92
CA ILE C 118 2.36 4.68 -25.18
C ILE C 118 2.87 5.59 -26.29
N GLN C 119 3.57 6.66 -25.92
CA GLN C 119 3.99 7.67 -26.93
C GLN C 119 5.19 7.11 -27.72
N ASN C 120 6.08 6.37 -27.07
CA ASN C 120 7.32 5.90 -27.71
C ASN C 120 7.47 4.40 -27.45
N PRO C 121 6.76 3.61 -28.25
CA PRO C 121 6.75 2.18 -28.06
C PRO C 121 8.14 1.62 -28.37
N ASP C 122 8.44 0.46 -27.79
CA ASP C 122 9.69 -0.22 -28.02
C ASP C 122 9.40 -1.72 -27.95
N PRO C 123 8.54 -2.19 -28.85
CA PRO C 123 8.00 -3.54 -28.79
C PRO C 123 9.14 -4.58 -28.82
N ALA C 124 8.97 -5.59 -27.99
CA ALA C 124 10.00 -6.60 -27.86
C ALA C 124 9.41 -7.86 -27.26
N VAL C 125 10.09 -8.98 -27.53
CA VAL C 125 9.75 -10.23 -26.92
C VAL C 125 10.94 -10.75 -26.11
N TYR C 126 10.65 -11.14 -24.88
CA TYR C 126 11.71 -11.54 -23.95
C TYR C 126 11.40 -12.94 -23.41
N GLN C 127 12.47 -13.66 -23.06
CA GLN C 127 12.32 -14.94 -22.38
C GLN C 127 12.67 -14.76 -20.90
N LEU C 128 11.80 -15.27 -20.01
CA LEU C 128 12.03 -15.16 -18.53
C LEU C 128 12.07 -16.57 -17.93
N ARG C 129 12.98 -16.78 -16.95
CA ARG C 129 13.10 -18.10 -16.26
C ARG C 129 12.37 -18.08 -14.92
N ASP C 130 11.76 -19.23 -14.58
CA ASP C 130 11.14 -19.43 -13.24
C ASP C 130 12.19 -19.13 -12.15
N SER C 131 11.76 -18.42 -11.09
CA SER C 131 12.65 -18.08 -9.98
CA SER C 131 12.64 -18.07 -9.97
C SER C 131 13.09 -19.35 -9.24
N LYS C 132 12.28 -20.40 -9.33
CA LYS C 132 12.46 -21.65 -8.60
C LYS C 132 13.14 -22.70 -9.48
N SER C 133 12.88 -22.69 -10.79
CA SER C 133 13.38 -23.76 -11.66
C SER C 133 13.56 -23.23 -13.08
N ASP C 135 14.85 -24.24 -15.69
CA ASP C 135 13.92 -25.33 -16.05
C ASP C 135 12.73 -24.76 -16.86
N LYS C 136 11.77 -24.07 -16.19
CA LYS C 136 10.53 -23.62 -16.84
C LYS C 136 10.71 -22.16 -17.28
N SER C 137 9.96 -21.76 -18.31
CA SER C 137 10.18 -20.49 -19.04
C SER C 137 8.85 -19.86 -19.46
N VAL C 138 8.78 -18.54 -19.61
CA VAL C 138 7.69 -17.90 -20.30
C VAL C 138 8.26 -16.84 -21.26
N CYS C 139 7.49 -16.56 -22.33
CA CYS C 139 7.80 -15.46 -23.26
C CYS C 139 6.89 -14.26 -22.94
N LEU C 140 7.48 -13.08 -22.95
CA LEU C 140 6.80 -11.83 -22.64
C LEU C 140 6.91 -10.91 -23.85
N PHE C 141 5.76 -10.51 -24.38
CA PHE C 141 5.69 -9.51 -25.42
C PHE C 141 5.31 -8.21 -24.72
N THR C 142 6.10 -7.15 -24.88
CA THR C 142 5.80 -5.95 -24.10
C THR C 142 6.23 -4.73 -24.90
N ASP C 143 5.83 -3.59 -24.36
CA ASP C 143 6.19 -2.26 -24.78
C ASP C 143 5.59 -1.93 -26.15
N PHE C 144 4.49 -2.57 -26.47
CA PHE C 144 3.71 -2.20 -27.73
C PHE C 144 2.60 -1.19 -27.40
N ASP C 145 2.13 -0.48 -28.44
CA ASP C 145 1.09 0.55 -28.22
C ASP C 145 -0.27 -0.13 -28.02
N SER C 146 -1.23 0.64 -27.46
CA SER C 146 -2.53 0.11 -27.03
C SER C 146 -3.46 -0.13 -28.21
N GLN C 147 -3.06 0.21 -29.44
CA GLN C 147 -3.86 -0.17 -30.64
C GLN C 147 -3.33 -1.50 -31.23
N THR C 148 -2.24 -2.07 -30.70
CA THR C 148 -1.75 -3.41 -31.17
C THR C 148 -2.65 -4.51 -30.61
N ASN C 149 -3.04 -5.54 -31.39
CA ASN C 149 -3.88 -6.67 -30.90
CA ASN C 149 -3.85 -6.64 -30.81
C ASN C 149 -3.05 -7.96 -30.75
N VAL C 150 -3.31 -8.71 -29.69
CA VAL C 150 -2.70 -9.99 -29.46
C VAL C 150 -3.69 -11.13 -29.76
N SER C 151 -3.27 -11.99 -30.68
CA SER C 151 -4.07 -13.11 -31.16
C SER C 151 -4.01 -14.26 -30.18
N GLN C 152 -5.15 -14.92 -29.98
CA GLN C 152 -5.18 -16.25 -29.36
C GLN C 152 -4.19 -17.16 -30.09
N SER C 153 -3.80 -18.25 -29.43
CA SER C 153 -2.96 -19.23 -30.06
C SER C 153 -3.73 -19.96 -31.17
N LYS C 154 -2.96 -20.65 -32.00
CA LYS C 154 -3.43 -21.50 -33.10
C LYS C 154 -2.79 -22.89 -33.00
N ASP C 155 -2.53 -23.32 -31.76
CA ASP C 155 -1.79 -24.53 -31.43
C ASP C 155 -2.17 -24.97 -29.99
N SER C 156 -2.87 -26.10 -29.83
CA SER C 156 -3.46 -26.50 -28.54
C SER C 156 -2.41 -26.74 -27.44
N ASP C 157 -1.11 -26.61 -27.75
CA ASP C 157 -0.05 -26.81 -26.71
C ASP C 157 0.72 -25.51 -26.41
N VAL C 158 0.34 -24.40 -27.03
CA VAL C 158 0.92 -23.10 -26.76
C VAL C 158 -0.21 -22.21 -26.21
N TYR C 159 0.07 -21.61 -25.06
CA TYR C 159 -0.89 -20.76 -24.36
C TYR C 159 -0.47 -19.30 -24.48
N ILE C 160 -1.42 -18.49 -24.87
CA ILE C 160 -1.15 -17.06 -25.03
C ILE C 160 -2.25 -16.29 -24.33
N THR C 161 -1.85 -15.43 -23.39
CA THR C 161 -2.82 -14.58 -22.69
C THR C 161 -3.29 -13.45 -23.61
N ASP C 162 -4.43 -12.87 -23.30
CA ASP C 162 -4.80 -11.60 -23.92
C ASP C 162 -3.90 -10.54 -23.30
N LYS C 163 -3.97 -9.33 -23.81
CA LYS C 163 -3.15 -8.29 -23.24
C LYS C 163 -3.72 -7.94 -21.85
N CYS C 164 -2.84 -7.58 -20.90
CA CYS C 164 -3.29 -7.37 -19.52
C CYS C 164 -4.00 -5.99 -19.40
N VAL C 165 -4.67 -5.81 -18.28
CA VAL C 165 -5.33 -4.55 -17.94
C VAL C 165 -4.58 -3.90 -16.78
N LEU C 166 -4.28 -2.60 -16.90
CA LEU C 166 -3.59 -1.89 -15.84
C LEU C 166 -4.38 -1.97 -14.53
N ASP C 167 -3.66 -2.15 -13.42
CA ASP C 167 -4.24 -2.03 -12.11
C ASP C 167 -4.85 -0.63 -12.02
N MET C 168 -6.07 -0.56 -11.53
CA MET C 168 -6.75 0.73 -11.56
C MET C 168 -6.08 1.73 -10.63
N ARG C 169 -5.22 1.29 -9.68
CA ARG C 169 -4.55 2.20 -8.79
CA ARG C 169 -4.55 2.19 -8.79
C ARG C 169 -3.11 2.49 -9.27
N SER C 170 -2.74 2.02 -10.42
CA SER C 170 -1.40 2.24 -10.91
C SER C 170 -1.17 3.75 -11.15
N MET C 171 -0.07 4.29 -10.73
CA MET C 171 0.29 5.65 -10.93
C MET C 171 1.45 5.79 -11.91
N ASP C 172 2.21 4.73 -12.21
CA ASP C 172 3.54 4.85 -12.90
C ASP C 172 3.83 3.52 -13.58
N PHE C 173 4.80 3.46 -14.49
CA PHE C 173 5.23 2.16 -15.12
C PHE C 173 4.05 1.48 -15.79
N LYS C 174 3.24 2.24 -16.52
CA LYS C 174 2.08 1.67 -17.21
C LYS C 174 2.47 1.21 -18.63
N SER C 175 2.51 -0.09 -18.84
CA SER C 175 2.81 -0.61 -20.14
C SER C 175 1.90 -1.79 -20.48
N ASN C 176 1.87 -2.10 -21.75
CA ASN C 176 1.12 -3.22 -22.26
C ASN C 176 2.00 -4.49 -22.28
N SER C 177 1.36 -5.63 -22.08
CA SER C 177 2.10 -6.89 -22.24
C SER C 177 1.14 -8.04 -22.42
N ALA C 178 1.67 -9.10 -23.00
CA ALA C 178 1.03 -10.37 -23.02
C ALA C 178 2.10 -11.45 -22.81
N VAL C 179 1.66 -12.60 -22.38
CA VAL C 179 2.60 -13.73 -22.07
C VAL C 179 2.23 -14.99 -22.87
N ALA C 180 3.25 -15.77 -23.26
CA ALA C 180 3.02 -17.05 -23.92
C ALA C 180 3.85 -18.12 -23.20
N TRP C 181 3.34 -19.36 -23.15
CA TRP C 181 4.14 -20.44 -22.63
C TRP C 181 3.70 -21.80 -23.19
N SER C 182 4.51 -22.87 -23.06
CA SER C 182 4.17 -24.08 -23.85
C SER C 182 4.18 -25.39 -23.04
N ASN C 183 5.20 -25.55 -22.24
CA ASN C 183 5.39 -26.84 -21.54
C ASN C 183 6.39 -27.72 -22.30
N LYS C 184 6.63 -27.51 -23.61
CA LYS C 184 7.63 -28.39 -24.25
C LYS C 184 8.02 -27.94 -25.68
N SER C 185 9.29 -28.30 -25.97
CA SER C 185 10.03 -28.02 -27.22
C SER C 185 9.41 -28.78 -28.40
N ASP C 186 9.61 -28.29 -29.62
CA ASP C 186 10.38 -27.08 -29.93
C ASP C 186 9.43 -25.88 -29.85
N PHE C 187 9.65 -25.02 -28.87
CA PHE C 187 8.90 -23.77 -28.73
C PHE C 187 9.86 -22.66 -28.27
N ALA C 188 10.21 -21.77 -29.18
CA ALA C 188 11.10 -20.63 -28.87
C ALA C 188 10.27 -19.35 -28.79
N CYS C 189 10.86 -18.33 -28.16
CA CYS C 189 10.15 -17.12 -27.99
C CYS C 189 10.05 -16.39 -29.34
N ALA C 190 11.00 -16.60 -30.24
CA ALA C 190 10.96 -15.90 -31.54
C ALA C 190 9.65 -16.22 -32.30
N ASN C 191 9.11 -17.43 -32.08
CA ASN C 191 7.90 -17.89 -32.76
C ASN C 191 6.64 -17.69 -31.92
N ALA C 192 6.75 -17.08 -30.77
CA ALA C 192 5.69 -17.22 -29.76
C ALA C 192 4.45 -16.40 -30.18
N PHE C 193 4.69 -15.20 -30.66
CA PHE C 193 3.60 -14.32 -31.01
C PHE C 193 3.42 -14.22 -32.52
N ASN C 194 3.75 -15.28 -33.27
CA ASN C 194 3.64 -15.38 -34.75
C ASN C 194 2.17 -15.34 -35.20
N ASN C 195 1.28 -15.82 -34.35
CA ASN C 195 -0.15 -15.78 -34.63
C ASN C 195 -0.62 -14.30 -34.60
N SER C 196 0.17 -13.39 -34.00
CA SER C 196 -0.25 -11.98 -33.81
C SER C 196 0.38 -11.11 -34.90
N ILE C 197 -0.33 -10.06 -35.31
CA ILE C 197 0.25 -9.01 -36.21
C ILE C 197 1.01 -7.98 -35.33
N ILE C 198 2.34 -8.03 -35.37
CA ILE C 198 3.17 -7.24 -34.46
C ILE C 198 4.00 -6.24 -35.26
N PRO C 199 4.50 -5.15 -34.61
CA PRO C 199 5.35 -4.12 -35.26
C PRO C 199 6.60 -4.70 -35.94
N GLU C 200 6.96 -4.18 -37.13
CA GLU C 200 8.13 -4.67 -37.91
C GLU C 200 9.38 -4.71 -37.03
N ASP C 201 9.59 -3.59 -36.30
CA ASP C 201 10.81 -3.30 -35.56
C ASP C 201 10.78 -3.98 -34.19
N THR C 202 9.84 -4.92 -33.93
CA THR C 202 9.87 -5.62 -32.65
C THR C 202 11.25 -6.26 -32.44
N PHE C 203 11.78 -5.98 -31.27
CA PHE C 203 13.11 -6.46 -30.81
C PHE C 203 12.98 -7.91 -30.35
N PHE C 204 13.91 -8.75 -30.83
CA PHE C 204 14.02 -10.17 -30.48
C PHE C 204 15.49 -10.43 -30.12
N PRO C 205 15.82 -10.46 -28.84
CA PRO C 205 17.22 -10.51 -28.38
C PRO C 205 17.96 -11.85 -28.61
N SER C 206 19.28 -11.79 -28.79
CA SER C 206 20.14 -13.00 -28.89
C SER C 206 20.72 -13.36 -27.50
N ALA D 2 -22.10 -0.79 6.76
CA ALA D 2 -23.53 -0.71 6.99
C ALA D 2 -24.31 -1.69 6.10
N VAL D 3 -23.78 -2.28 5.01
CA VAL D 3 -24.41 -3.46 4.48
C VAL D 3 -23.37 -4.59 4.38
N THR D 4 -23.63 -5.69 5.04
CA THR D 4 -22.69 -6.83 5.03
C THR D 4 -23.42 -8.05 4.49
N GLN D 5 -22.61 -8.96 3.95
CA GLN D 5 -23.11 -10.21 3.37
C GLN D 5 -22.27 -11.36 3.86
N SER D 6 -22.91 -12.48 3.95
CA SER D 6 -22.28 -13.70 4.38
C SER D 6 -22.97 -14.91 3.72
N PRO D 7 -22.24 -15.87 3.18
CA PRO D 7 -20.78 -15.89 3.08
C PRO D 7 -20.36 -14.95 1.95
N ARG D 8 -19.11 -14.61 1.88
CA ARG D 8 -18.61 -13.79 0.81
C ARG D 8 -18.27 -14.64 -0.43
N ASN D 9 -17.88 -15.90 -0.20
CA ASN D 9 -17.56 -16.84 -1.26
C ASN D 9 -18.08 -18.20 -0.85
N LYS D 10 -18.61 -18.94 -1.80
CA LYS D 10 -19.16 -20.26 -1.49
C LYS D 10 -19.10 -21.15 -2.74
N VAL D 11 -18.61 -22.35 -2.55
CA VAL D 11 -18.70 -23.35 -3.55
C VAL D 11 -19.71 -24.38 -3.07
N ALA D 12 -20.78 -24.64 -3.86
CA ALA D 12 -21.85 -25.57 -3.47
C ALA D 12 -21.98 -26.70 -4.49
N VAL D 13 -22.65 -27.80 -4.12
CA VAL D 13 -22.99 -28.84 -5.15
C VAL D 13 -24.47 -28.72 -5.54
N THR D 14 -24.75 -29.05 -6.80
CA THR D 14 -26.07 -29.22 -7.27
C THR D 14 -26.90 -30.08 -6.30
N GLY D 15 -28.09 -29.59 -5.98
CA GLY D 15 -29.00 -30.29 -5.12
C GLY D 15 -28.93 -29.85 -3.67
N GLY D 16 -27.84 -29.18 -3.27
CA GLY D 16 -27.69 -28.74 -1.90
C GLY D 16 -28.51 -27.48 -1.65
N LYS D 17 -28.71 -27.16 -0.38
CA LYS D 17 -29.34 -25.94 0.03
C LYS D 17 -28.26 -24.89 0.27
N VAL D 18 -28.45 -23.67 -0.23
CA VAL D 18 -27.54 -22.55 0.09
C VAL D 18 -28.39 -21.41 0.65
N THR D 19 -27.90 -20.74 1.71
CA THR D 19 -28.53 -19.55 2.25
C THR D 19 -27.54 -18.39 2.19
N LEU D 20 -27.93 -17.31 1.55
CA LEU D 20 -27.12 -16.06 1.57
C LEU D 20 -27.75 -15.06 2.55
N SER D 21 -26.90 -14.49 3.41
CA SER D 21 -27.32 -13.54 4.48
C SER D 21 -26.88 -12.11 4.15
N CYS D 22 -27.81 -11.20 4.37
CA CYS D 22 -27.57 -9.74 4.24
C CYS D 22 -28.00 -9.08 5.56
N ASP D 23 -27.12 -8.27 6.14
CA ASP D 23 -27.39 -7.54 7.38
C ASP D 23 -27.02 -6.08 7.11
N GLN D 24 -27.90 -5.17 7.53
CA GLN D 24 -27.68 -3.75 7.31
C GLN D 24 -27.81 -3.01 8.65
N THR D 25 -27.07 -1.94 8.81
CA THR D 25 -27.13 -1.14 10.01
C THR D 25 -27.59 0.25 9.62
N ASN D 26 -28.30 0.40 8.50
CA ASN D 26 -28.70 1.73 7.99
C ASN D 26 -30.10 2.11 8.47
N ASN D 27 -30.83 1.20 9.15
CA ASN D 27 -32.25 1.40 9.50
C ASN D 27 -33.07 1.75 8.25
N HIS D 28 -32.77 1.05 7.18
CA HIS D 28 -33.45 1.22 5.89
C HIS D 28 -34.60 0.21 5.77
N ASN D 29 -35.77 0.70 5.35
CA ASN D 29 -36.95 -0.12 5.20
C ASN D 29 -36.80 -1.12 4.03
N ASN D 30 -36.14 -0.69 2.96
CA ASN D 30 -36.11 -1.44 1.70
C ASN D 30 -34.80 -2.23 1.57
N MET D 31 -34.93 -3.50 1.20
CA MET D 31 -33.78 -4.31 0.89
C MET D 31 -34.03 -5.09 -0.41
N TYR D 32 -32.96 -5.53 -1.07
CA TYR D 32 -32.98 -6.02 -2.46
C TYR D 32 -31.91 -7.09 -2.61
N TRP D 33 -32.20 -8.11 -3.36
CA TRP D 33 -31.22 -9.13 -3.81
C TRP D 33 -31.13 -9.14 -5.33
N TYR D 34 -29.96 -8.91 -5.87
CA TYR D 34 -29.67 -8.91 -7.22
C TYR D 34 -28.63 -9.98 -7.55
N ARG D 35 -28.61 -10.47 -8.78
CA ARG D 35 -27.47 -11.17 -9.32
C ARG D 35 -26.88 -10.41 -10.51
N GLN D 36 -25.58 -10.55 -10.66
CA GLN D 36 -24.84 -9.95 -11.70
C GLN D 36 -24.17 -11.03 -12.56
N ASP D 37 -24.38 -10.99 -13.87
CA ASP D 37 -23.78 -11.95 -14.83
C ASP D 37 -23.41 -11.20 -16.09
N THR D 38 -22.27 -11.50 -16.69
CA THR D 38 -21.80 -10.61 -17.79
C THR D 38 -22.80 -10.75 -18.95
N GLY D 39 -23.13 -9.61 -19.52
CA GLY D 39 -24.11 -9.56 -20.57
C GLY D 39 -25.52 -9.30 -20.07
N HIS D 40 -25.80 -9.57 -18.80
CA HIS D 40 -27.17 -9.45 -18.26
C HIS D 40 -27.31 -8.28 -17.28
N GLY D 41 -26.24 -7.59 -16.91
CA GLY D 41 -26.29 -6.51 -15.94
C GLY D 41 -26.63 -6.99 -14.53
N LEU D 42 -27.41 -6.18 -13.83
CA LEU D 42 -27.87 -6.50 -12.50
C LEU D 42 -29.34 -6.85 -12.57
N ARG D 43 -29.72 -8.04 -12.15
CA ARG D 43 -31.09 -8.46 -12.28
C ARG D 43 -31.69 -8.72 -10.91
N LEU D 44 -32.85 -8.12 -10.65
CA LEU D 44 -33.47 -8.15 -9.34
C LEU D 44 -34.15 -9.50 -9.11
N ILE D 45 -33.82 -10.21 -8.02
CA ILE D 45 -34.41 -11.55 -7.74
C ILE D 45 -35.62 -11.41 -6.82
N HIS D 46 -35.40 -10.75 -5.69
CA HIS D 46 -36.45 -10.57 -4.69
C HIS D 46 -36.15 -9.25 -3.97
N TYR D 47 -37.15 -8.66 -3.37
CA TYR D 47 -36.90 -7.43 -2.55
C TYR D 47 -37.89 -7.39 -1.38
N SER D 48 -37.83 -6.34 -0.56
CA SER D 48 -38.64 -6.21 0.65
C SER D 48 -38.75 -4.73 1.05
N TYR D 49 -39.94 -4.32 1.44
CA TYR D 49 -40.25 -2.97 1.88
C TYR D 49 -40.23 -2.82 3.40
N GLY D 50 -40.18 -3.94 4.08
CA GLY D 50 -40.24 -3.85 5.51
C GLY D 50 -40.15 -5.21 6.17
N ALA D 51 -39.71 -5.15 7.43
CA ALA D 51 -39.59 -6.31 8.31
C ALA D 51 -40.84 -7.17 8.18
N GLY D 52 -40.64 -8.47 8.02
CA GLY D 52 -41.71 -9.46 8.04
C GLY D 52 -42.41 -9.62 6.71
N SER D 53 -41.89 -9.05 5.63
CA SER D 53 -42.52 -9.17 4.30
C SER D 53 -41.45 -9.15 3.20
N THR D 54 -41.81 -9.64 2.03
CA THR D 54 -40.91 -9.69 0.85
C THR D 54 -41.78 -9.67 -0.41
N GLU D 55 -41.16 -9.40 -1.55
CA GLU D 55 -41.83 -9.28 -2.86
C GLU D 55 -41.00 -9.97 -3.95
N LYS D 56 -41.64 -10.49 -4.99
CA LYS D 56 -40.92 -11.13 -6.16
C LYS D 56 -40.27 -10.04 -7.00
N GLY D 57 -39.03 -10.26 -7.41
CA GLY D 57 -38.39 -9.38 -8.43
C GLY D 57 -38.71 -9.86 -9.84
N ASP D 58 -37.81 -9.52 -10.77
CA ASP D 58 -37.93 -9.89 -12.18
C ASP D 58 -37.54 -11.37 -12.40
N ILE D 59 -36.64 -11.98 -11.60
CA ILE D 59 -36.20 -13.38 -11.90
C ILE D 59 -36.24 -14.21 -10.61
N PRO D 60 -37.43 -14.37 -10.04
CA PRO D 60 -37.61 -15.06 -8.78
C PRO D 60 -37.40 -16.59 -8.81
N ASP D 61 -37.52 -17.22 -9.96
CA ASP D 61 -37.64 -18.70 -9.96
C ASP D 61 -36.33 -19.34 -9.46
N GLY D 62 -36.48 -20.28 -8.52
CA GLY D 62 -35.36 -21.04 -7.88
C GLY D 62 -34.85 -20.43 -6.57
N TYR D 63 -35.45 -19.31 -6.17
CA TYR D 63 -35.01 -18.54 -5.03
C TYR D 63 -36.20 -18.21 -4.15
N LYS D 64 -35.99 -18.26 -2.86
CA LYS D 64 -36.91 -17.75 -1.89
C LYS D 64 -36.20 -16.62 -1.11
N ALA D 65 -36.97 -15.82 -0.42
CA ALA D 65 -36.39 -14.77 0.39
C ALA D 65 -37.10 -14.75 1.75
N SER D 66 -36.39 -14.20 2.74
CA SER D 66 -36.89 -14.11 4.11
C SER D 66 -36.43 -12.79 4.71
N ARG D 67 -37.36 -12.00 5.25
CA ARG D 67 -37.07 -10.75 5.93
C ARG D 67 -37.62 -10.88 7.35
N PRO D 68 -36.85 -11.51 8.26
CA PRO D 68 -37.34 -11.74 9.61
C PRO D 68 -37.39 -10.46 10.46
N SER D 69 -36.55 -9.46 10.14
CA SER D 69 -36.32 -8.25 10.91
C SER D 69 -35.93 -7.13 9.95
N GLN D 70 -35.93 -5.88 10.45
CA GLN D 70 -35.45 -4.74 9.67
C GLN D 70 -34.00 -5.00 9.21
N LYS D 71 -33.14 -5.50 10.11
CA LYS D 71 -31.75 -5.56 9.76
C LYS D 71 -31.44 -6.71 8.77
N GLU D 72 -32.23 -7.80 8.71
CA GLU D 72 -31.76 -9.06 8.04
C GLU D 72 -32.65 -9.44 6.84
N PHE D 73 -32.00 -9.77 5.72
CA PHE D 73 -32.67 -10.21 4.51
C PHE D 73 -31.91 -11.39 3.91
N SER D 74 -32.56 -12.52 3.84
CA SER D 74 -31.92 -13.78 3.41
C SER D 74 -32.44 -14.19 2.03
N LEU D 75 -31.56 -14.79 1.25
CA LEU D 75 -31.87 -15.37 -0.02
C LEU D 75 -31.61 -16.87 0.08
N ILE D 76 -32.60 -17.66 -0.27
CA ILE D 76 -32.58 -19.14 -0.02
C ILE D 76 -32.64 -19.86 -1.36
N LEU D 77 -31.64 -20.72 -1.60
CA LEU D 77 -31.62 -21.61 -2.76
C LEU D 77 -31.89 -23.03 -2.24
N GLU D 78 -33.11 -23.49 -2.39
CA GLU D 78 -33.59 -24.75 -1.77
C GLU D 78 -32.92 -25.95 -2.44
N LEU D 79 -32.53 -25.79 -3.71
CA LEU D 79 -32.06 -26.88 -4.57
C LEU D 79 -31.13 -26.22 -5.60
N ALA D 80 -29.86 -26.02 -5.21
CA ALA D 80 -28.93 -25.22 -5.96
C ALA D 80 -28.63 -25.89 -7.30
N THR D 81 -28.55 -25.11 -8.36
CA THR D 81 -28.29 -25.68 -9.66
C THR D 81 -27.20 -24.83 -10.33
N PRO D 82 -26.52 -25.39 -11.34
CA PRO D 82 -25.38 -24.68 -11.97
C PRO D 82 -25.70 -23.28 -12.50
N SER D 83 -26.92 -23.05 -13.01
CA SER D 83 -27.24 -21.70 -13.54
C SER D 83 -27.35 -20.67 -12.40
N GLN D 84 -27.33 -21.11 -11.13
CA GLN D 84 -27.33 -20.20 -10.02
C GLN D 84 -25.92 -19.71 -9.70
N THR D 85 -24.90 -20.23 -10.37
CA THR D 85 -23.57 -19.66 -10.33
C THR D 85 -23.62 -18.19 -10.74
N SER D 86 -23.16 -17.32 -9.86
CA SER D 86 -23.28 -15.86 -10.07
C SER D 86 -22.59 -15.08 -8.93
N VAL D 87 -22.60 -13.78 -9.06
CA VAL D 87 -22.27 -12.85 -8.03
C VAL D 87 -23.59 -12.21 -7.57
N TYR D 88 -23.89 -12.34 -6.28
CA TYR D 88 -25.07 -11.84 -5.67
C TYR D 88 -24.78 -10.60 -4.81
N PHE D 89 -25.57 -9.56 -4.99
CA PHE D 89 -25.47 -8.36 -4.17
C PHE D 89 -26.80 -8.06 -3.52
N CYS D 90 -26.74 -7.77 -2.24
CA CYS D 90 -27.84 -7.21 -1.56
C CYS D 90 -27.67 -5.68 -1.51
N ALA D 91 -28.75 -4.98 -1.36
CA ALA D 91 -28.70 -3.59 -1.23
C ALA D 91 -29.80 -3.13 -0.25
N SER D 92 -29.60 -1.94 0.35
CA SER D 92 -30.63 -1.30 1.15
C SER D 92 -30.92 0.08 0.59
N GLY D 93 -32.13 0.56 0.84
CA GLY D 93 -32.51 1.95 0.56
C GLY D 93 -33.63 2.40 1.48
N GLY D 94 -33.78 3.71 1.64
CA GLY D 94 -35.01 4.21 2.29
C GLY D 94 -34.83 5.67 2.63
N LEU D 95 -35.28 6.04 3.84
CA LEU D 95 -35.11 7.38 4.41
C LEU D 95 -35.59 8.42 3.39
N GLY D 96 -34.80 9.40 2.90
CA GLY D 96 -33.30 9.58 2.96
C GLY D 96 -32.73 10.04 1.61
N GLY D 97 -33.32 9.46 0.55
CA GLY D 97 -32.85 9.58 -0.82
C GLY D 97 -33.04 8.24 -1.54
N ASP D 98 -32.77 8.25 -2.83
CA ASP D 98 -33.07 7.11 -3.68
C ASP D 98 -31.80 6.32 -4.01
N GLU D 99 -30.65 6.66 -3.42
CA GLU D 99 -29.48 5.77 -3.46
C GLU D 99 -29.85 4.37 -2.93
N GLN D 100 -29.33 3.36 -3.60
CA GLN D 100 -29.37 1.98 -3.10
C GLN D 100 -27.94 1.69 -2.72
N TYR D 101 -27.79 1.14 -1.52
CA TYR D 101 -26.46 0.98 -0.95
C TYR D 101 -26.16 -0.51 -0.99
N PHE D 102 -25.14 -0.89 -1.75
CA PHE D 102 -24.90 -2.28 -2.05
C PHE D 102 -23.96 -2.90 -0.98
N GLY D 103 -24.23 -4.16 -0.67
CA GLY D 103 -23.33 -5.05 0.06
C GLY D 103 -22.10 -5.34 -0.77
N PRO D 104 -21.13 -6.06 -0.18
CA PRO D 104 -19.86 -6.26 -0.84
C PRO D 104 -19.86 -7.37 -1.88
N GLY D 105 -20.93 -8.18 -1.90
CA GLY D 105 -21.08 -9.24 -2.87
C GLY D 105 -20.80 -10.62 -2.32
N THR D 106 -21.53 -11.60 -2.83
CA THR D 106 -21.26 -13.02 -2.56
C THR D 106 -20.99 -13.67 -3.90
N ARG D 107 -19.83 -14.33 -4.03
CA ARG D 107 -19.57 -15.14 -5.19
C ARG D 107 -19.99 -16.57 -4.92
N LEU D 108 -20.96 -17.08 -5.68
CA LEU D 108 -21.45 -18.46 -5.52
C LEU D 108 -21.20 -19.25 -6.80
N THR D 109 -20.53 -20.39 -6.64
CA THR D 109 -20.38 -21.35 -7.70
C THR D 109 -21.07 -22.65 -7.28
N VAL D 110 -21.99 -23.10 -8.13
CA VAL D 110 -22.67 -24.35 -7.90
C VAL D 110 -22.15 -25.35 -8.94
N LEU D 111 -21.53 -26.41 -8.46
CA LEU D 111 -20.90 -27.40 -9.34
C LEU D 111 -21.67 -28.72 -9.31
N GLU D 112 -21.43 -29.55 -10.29
CA GLU D 112 -22.02 -30.87 -10.36
C GLU D 112 -21.46 -31.69 -9.24
N ASP D 113 -20.15 -31.67 -9.12
CA ASP D 113 -19.46 -32.36 -7.98
C ASP D 113 -18.17 -31.62 -7.65
N LEU D 114 -17.63 -31.87 -6.46
CA LEU D 114 -16.46 -31.13 -5.98
C LEU D 114 -15.12 -31.74 -6.44
N LYS D 115 -15.14 -32.77 -7.29
CA LYS D 115 -13.94 -33.52 -7.57
C LYS D 115 -13.01 -32.73 -8.48
N ASN D 116 -13.47 -31.70 -9.18
CA ASN D 116 -12.58 -30.96 -10.07
C ASN D 116 -12.03 -29.73 -9.34
N VAL D 117 -12.35 -29.50 -8.05
CA VAL D 117 -11.90 -28.27 -7.34
C VAL D 117 -10.42 -28.41 -6.93
N PHE D 118 -9.60 -27.49 -7.40
CA PHE D 118 -8.16 -27.49 -7.22
C PHE D 118 -7.65 -26.09 -6.97
N PRO D 119 -6.79 -25.95 -5.95
CA PRO D 119 -6.14 -24.65 -5.82
C PRO D 119 -5.11 -24.40 -6.92
N PRO D 120 -4.64 -23.16 -7.06
CA PRO D 120 -3.63 -22.87 -8.03
C PRO D 120 -2.24 -23.33 -7.57
N GLU D 121 -1.42 -23.61 -8.55
CA GLU D 121 0.04 -23.53 -8.42
C GLU D 121 0.50 -22.19 -8.94
N VAL D 122 1.50 -21.63 -8.29
CA VAL D 122 1.93 -20.25 -8.60
C VAL D 122 3.43 -20.25 -8.84
N ALA D 123 3.86 -19.57 -9.87
CA ALA D 123 5.30 -19.41 -10.17
C ALA D 123 5.56 -17.95 -10.51
N VAL D 124 6.73 -17.46 -10.14
CA VAL D 124 7.18 -16.16 -10.55
C VAL D 124 8.40 -16.34 -11.45
N PHE D 125 8.41 -15.60 -12.56
CA PHE D 125 9.45 -15.63 -13.58
C PHE D 125 10.23 -14.31 -13.52
N GLU D 126 11.55 -14.43 -13.46
CA GLU D 126 12.43 -13.27 -13.14
C GLU D 126 12.70 -12.50 -14.42
N PRO D 127 12.86 -11.17 -14.31
CA PRO D 127 13.13 -10.33 -15.46
C PRO D 127 14.24 -10.86 -16.36
N SER D 128 14.08 -10.65 -17.66
CA SER D 128 15.12 -10.90 -18.65
C SER D 128 16.29 -9.89 -18.57
N GLU D 129 17.54 -10.40 -18.67
CA GLU D 129 18.72 -9.51 -18.70
C GLU D 129 18.65 -8.64 -19.96
N ALA D 130 18.05 -9.18 -21.02
CA ALA D 130 17.89 -8.45 -22.28
C ALA D 130 16.97 -7.25 -22.11
N GLU D 131 15.89 -7.38 -21.34
CA GLU D 131 14.95 -6.30 -21.10
C GLU D 131 15.64 -5.21 -20.29
N ILE D 132 16.39 -5.66 -19.28
CA ILE D 132 17.11 -4.77 -18.43
C ILE D 132 18.10 -3.92 -19.25
N SER D 133 18.89 -4.53 -20.11
CA SER D 133 19.87 -3.76 -20.85
C SER D 133 19.19 -2.84 -21.87
N HIS D 134 18.09 -3.29 -22.48
CA HIS D 134 17.44 -2.52 -23.55
C HIS D 134 16.59 -1.37 -23.01
N THR D 135 15.96 -1.54 -21.86
CA THR D 135 14.91 -0.61 -21.37
C THR D 135 15.24 0.04 -20.02
N GLN D 136 16.18 -0.52 -19.27
CA GLN D 136 16.45 -0.12 -17.86
C GLN D 136 15.23 -0.39 -16.97
N LYS D 137 14.36 -1.28 -17.40
CA LYS D 137 13.21 -1.71 -16.64
C LYS D 137 13.24 -3.23 -16.52
N ALA D 138 12.44 -3.73 -15.58
CA ALA D 138 12.46 -5.14 -15.23
C ALA D 138 11.02 -5.61 -14.92
N THR D 139 10.55 -6.55 -15.72
CA THR D 139 9.21 -7.11 -15.56
C THR D 139 9.29 -8.50 -14.91
N LEU D 140 8.68 -8.67 -13.77
CA LEU D 140 8.37 -10.02 -13.20
C LEU D 140 6.99 -10.48 -13.73
N VAL D 141 6.88 -11.76 -13.99
CA VAL D 141 5.66 -12.43 -14.41
C VAL D 141 5.24 -13.43 -13.35
N CYS D 142 4.00 -13.36 -12.94
CA CYS D 142 3.39 -14.35 -12.07
C CYS D 142 2.42 -15.17 -12.91
N LEU D 143 2.43 -16.49 -12.76
CA LEU D 143 1.49 -17.39 -13.43
C LEU D 143 0.85 -18.25 -12.37
N ALA D 144 -0.47 -18.26 -12.36
CA ALA D 144 -1.24 -19.15 -11.53
C ALA D 144 -1.95 -20.13 -12.45
N THR D 145 -1.83 -21.44 -12.19
CA THR D 145 -2.21 -22.44 -13.11
C THR D 145 -2.90 -23.58 -12.37
N GLY D 146 -3.79 -24.28 -13.09
CA GLY D 146 -4.41 -25.47 -12.65
C GLY D 146 -5.51 -25.27 -11.62
N PHE D 147 -6.12 -24.09 -11.54
CA PHE D 147 -7.14 -23.87 -10.49
C PHE D 147 -8.56 -23.98 -11.05
N TYR D 148 -9.48 -24.34 -10.15
CA TYR D 148 -10.89 -24.49 -10.44
C TYR D 148 -11.66 -24.49 -9.12
N PRO D 149 -12.69 -23.69 -8.96
CA PRO D 149 -13.30 -22.89 -10.01
C PRO D 149 -12.48 -21.64 -10.41
N ASP D 150 -13.08 -20.76 -11.26
CA ASP D 150 -12.32 -19.89 -12.13
C ASP D 150 -11.95 -18.58 -11.43
N HIS D 151 -12.28 -18.43 -10.15
CA HIS D 151 -11.97 -17.13 -9.54
C HIS D 151 -10.78 -17.15 -8.55
N VAL D 152 -9.80 -16.29 -8.83
CA VAL D 152 -8.75 -16.00 -7.83
C VAL D 152 -8.57 -14.49 -7.68
N GLU D 153 -7.86 -14.04 -6.61
CA GLU D 153 -7.52 -12.63 -6.52
C GLU D 153 -6.00 -12.53 -6.39
N LEU D 154 -5.35 -11.94 -7.36
CA LEU D 154 -3.88 -11.91 -7.38
C LEU D 154 -3.40 -10.52 -6.95
N SER D 155 -2.38 -10.50 -6.11
CA SER D 155 -1.80 -9.25 -5.63
C SER D 155 -0.28 -9.36 -5.60
N TRP D 156 0.35 -8.22 -5.75
CA TRP D 156 1.81 -8.14 -5.65
C TRP D 156 2.26 -7.40 -4.38
N TRP D 157 3.35 -7.93 -3.77
CA TRP D 157 3.86 -7.45 -2.52
C TRP D 157 5.37 -7.25 -2.67
N VAL D 158 5.81 -6.05 -2.33
CA VAL D 158 7.19 -5.64 -2.41
C VAL D 158 7.63 -5.29 -0.99
N ASN D 159 8.63 -6.02 -0.47
CA ASN D 159 9.16 -5.71 0.89
C ASN D 159 8.04 -5.64 1.93
N GLY D 160 7.03 -6.51 1.81
CA GLY D 160 5.97 -6.65 2.82
C GLY D 160 4.74 -5.76 2.56
N LYS D 161 4.78 -4.96 1.53
CA LYS D 161 3.65 -4.00 1.22
C LYS D 161 3.05 -4.27 -0.16
N GLU D 162 1.73 -4.21 -0.24
CA GLU D 162 1.08 -4.38 -1.52
C GLU D 162 1.39 -3.18 -2.43
N VAL D 163 1.61 -3.47 -3.68
CA VAL D 163 1.85 -2.39 -4.64
C VAL D 163 0.82 -2.45 -5.78
N HIS D 164 0.71 -1.31 -6.51
CA HIS D 164 -0.25 -1.19 -7.61
C HIS D 164 0.39 -0.55 -8.84
N SER D 165 1.32 0.40 -8.63
CA SER D 165 2.08 0.92 -9.73
C SER D 165 2.92 -0.19 -10.39
N GLY D 166 2.90 -0.18 -11.73
CA GLY D 166 3.63 -1.15 -12.49
C GLY D 166 2.92 -2.50 -12.54
N VAL D 167 1.74 -2.63 -11.98
CA VAL D 167 1.00 -3.91 -12.02
C VAL D 167 -0.03 -3.87 -13.16
N CYS D 168 -0.10 -4.98 -13.89
CA CYS D 168 -0.99 -5.20 -15.02
C CYS D 168 -1.40 -6.70 -14.94
N THR D 169 -2.69 -7.02 -14.91
CA THR D 169 -3.20 -8.39 -14.65
C THR D 169 -4.19 -8.75 -15.74
N ASP D 170 -4.17 -10.01 -16.15
CA ASP D 170 -5.17 -10.47 -17.13
C ASP D 170 -6.56 -10.20 -16.53
N PRO D 171 -7.44 -9.68 -17.39
CA PRO D 171 -8.79 -9.39 -17.01
C PRO D 171 -9.59 -10.65 -16.64
N GLN D 172 -9.30 -11.74 -17.33
CA GLN D 172 -10.04 -13.01 -17.10
C GLN D 172 -9.06 -14.18 -17.13
N PRO D 173 -9.39 -15.26 -16.42
CA PRO D 173 -8.54 -16.47 -16.58
C PRO D 173 -8.72 -17.13 -17.95
N LEU D 174 -7.71 -17.85 -18.43
CA LEU D 174 -7.90 -18.62 -19.65
C LEU D 174 -8.03 -20.10 -19.28
N LYS D 175 -8.80 -20.79 -20.11
CA LYS D 175 -8.99 -22.22 -19.98
C LYS D 175 -7.73 -22.93 -20.49
N GLU D 176 -7.20 -23.81 -19.65
CA GLU D 176 -6.06 -24.62 -20.03
C GLU D 176 -6.45 -25.66 -21.10
N GLN D 177 -7.69 -26.15 -21.11
CA GLN D 177 -8.17 -27.03 -22.19
C GLN D 177 -9.51 -26.46 -22.70
N PRO D 178 -9.44 -25.56 -23.69
CA PRO D 178 -10.61 -24.76 -24.07
C PRO D 178 -11.76 -25.61 -24.65
N ALA D 179 -11.45 -26.76 -25.25
CA ALA D 179 -12.46 -27.64 -25.84
C ALA D 179 -13.09 -28.53 -24.75
N LEU D 180 -13.15 -28.07 -23.52
CA LEU D 180 -13.53 -28.94 -22.43
C LEU D 180 -14.29 -28.10 -21.37
N ASN D 181 -15.48 -28.59 -20.98
CA ASN D 181 -16.40 -27.83 -20.11
C ASN D 181 -15.82 -27.74 -18.69
N ASP D 182 -15.06 -28.79 -18.37
CA ASP D 182 -14.43 -29.19 -17.10
C ASP D 182 -13.05 -28.50 -16.91
N SER D 183 -12.56 -27.74 -17.87
CA SER D 183 -11.15 -27.26 -17.90
C SER D 183 -10.76 -26.53 -16.62
N ARG D 184 -9.40 -26.72 -16.45
N ARG D 184 -9.68 -26.81 -15.94
CA ARG D 184 -8.38 -26.07 -15.54
CA ARG D 184 -9.29 -25.80 -14.91
C ARG D 184 -8.37 -24.56 -15.89
C ARG D 184 -8.58 -24.64 -15.67
N TYR D 185 -8.09 -23.65 -14.94
CA TYR D 185 -7.79 -22.27 -15.38
C TYR D 185 -6.36 -21.79 -15.05
N ALA D 186 -5.87 -20.82 -15.82
CA ALA D 186 -4.65 -20.07 -15.53
C ALA D 186 -4.91 -18.57 -15.59
N LEU D 187 -4.04 -17.82 -14.92
CA LEU D 187 -4.12 -16.32 -14.89
C LEU D 187 -2.70 -15.79 -14.72
N SER D 188 -2.34 -14.76 -15.47
CA SER D 188 -1.00 -14.15 -15.35
C SER D 188 -1.13 -12.70 -14.89
N SER D 189 -0.08 -12.22 -14.27
CA SER D 189 0.02 -10.81 -13.89
C SER D 189 1.47 -10.39 -14.08
N ARG D 190 1.71 -9.11 -14.31
CA ARG D 190 3.04 -8.59 -14.46
C ARG D 190 3.25 -7.52 -13.40
N LEU D 191 4.45 -7.44 -12.84
CA LEU D 191 4.87 -6.28 -12.05
C LEU D 191 6.15 -5.75 -12.71
N ARG D 192 6.11 -4.47 -13.07
CA ARG D 192 7.29 -3.85 -13.64
C ARG D 192 7.87 -2.81 -12.68
N VAL D 193 9.20 -2.88 -12.53
CA VAL D 193 9.94 -2.00 -11.67
C VAL D 193 11.18 -1.50 -12.40
N SER D 194 11.89 -0.57 -11.81
CA SER D 194 13.11 -0.07 -12.41
C SER D 194 14.17 -1.19 -12.35
N ALA D 195 15.07 -1.20 -13.31
CA ALA D 195 16.15 -2.22 -13.31
C ALA D 195 16.93 -2.15 -12.00
N THR D 196 17.20 -0.94 -11.52
CA THR D 196 18.05 -0.84 -10.34
C THR D 196 17.31 -1.39 -9.13
N PHE D 197 15.99 -1.32 -9.08
CA PHE D 197 15.31 -1.84 -7.91
C PHE D 197 15.31 -3.37 -7.97
N TRP D 198 15.10 -3.93 -9.15
CA TRP D 198 15.17 -5.39 -9.31
C TRP D 198 16.59 -5.89 -9.00
N GLN D 199 17.61 -5.11 -9.34
CA GLN D 199 18.97 -5.61 -9.26
C GLN D 199 19.50 -5.50 -7.83
N ASN D 200 18.71 -5.02 -6.88
CA ASN D 200 19.16 -4.96 -5.53
C ASN D 200 18.74 -6.26 -4.79
N PRO D 201 19.74 -7.00 -4.19
CA PRO D 201 19.40 -8.31 -3.63
C PRO D 201 18.69 -8.24 -2.27
N ARG D 202 18.49 -7.02 -1.74
CA ARG D 202 17.74 -6.86 -0.52
C ARG D 202 16.25 -6.59 -0.80
N ASN D 203 15.86 -6.50 -2.07
CA ASN D 203 14.42 -6.41 -2.39
C ASN D 203 13.76 -7.79 -2.57
N HIS D 204 12.59 -7.94 -1.93
CA HIS D 204 11.83 -9.14 -1.91
C HIS D 204 10.50 -8.92 -2.66
N PHE D 205 10.15 -9.82 -3.57
CA PHE D 205 8.95 -9.71 -4.39
C PHE D 205 8.05 -10.92 -4.17
N ARG D 206 6.74 -10.73 -3.99
CA ARG D 206 5.87 -11.86 -3.82
C ARG D 206 4.59 -11.69 -4.62
N CYS D 207 4.24 -12.70 -5.40
CA CYS D 207 2.91 -12.78 -6.07
C CYS D 207 2.01 -13.64 -5.17
N GLN D 208 0.90 -13.07 -4.71
CA GLN D 208 -0.01 -13.74 -3.80
C GLN D 208 -1.34 -14.04 -4.53
N VAL D 209 -1.83 -15.28 -4.48
CA VAL D 209 -3.07 -15.67 -5.10
C VAL D 209 -3.99 -16.25 -4.02
N GLN D 210 -5.04 -15.48 -3.71
CA GLN D 210 -6.12 -15.94 -2.89
C GLN D 210 -7.04 -16.79 -3.78
N PHE D 211 -7.19 -18.02 -3.38
CA PHE D 211 -8.09 -18.95 -4.00
C PHE D 211 -9.29 -19.18 -3.08
N TYR D 212 -10.45 -19.29 -3.72
CA TYR D 212 -11.67 -19.59 -3.00
C TYR D 212 -12.17 -20.97 -3.42
N GLY D 213 -12.29 -21.82 -2.41
CA GLY D 213 -12.63 -23.21 -2.62
C GLY D 213 -13.58 -23.72 -1.55
N LEU D 214 -13.30 -24.92 -1.02
CA LEU D 214 -14.14 -25.50 0.00
C LEU D 214 -13.90 -24.81 1.35
N SER D 215 -14.84 -25.02 2.28
CA SER D 215 -14.58 -24.58 3.66
C SER D 215 -14.11 -25.77 4.51
N GLU D 216 -13.63 -25.50 5.71
CA GLU D 216 -13.17 -26.52 6.68
C GLU D 216 -14.35 -27.32 7.25
N ASN D 217 -15.57 -26.79 7.30
CA ASN D 217 -16.71 -27.61 7.72
C ASN D 217 -17.34 -28.34 6.53
N ASP D 218 -16.56 -28.72 5.49
CA ASP D 218 -17.12 -29.38 4.28
C ASP D 218 -16.71 -30.85 4.22
N GLU D 219 -17.61 -31.70 3.72
CA GLU D 219 -17.35 -33.13 3.53
C GLU D 219 -16.39 -33.31 2.35
N TRP D 220 -15.49 -34.26 2.43
CA TRP D 220 -14.43 -34.41 1.42
C TRP D 220 -14.05 -35.88 1.37
N THR D 221 -14.36 -36.55 0.25
CA THR D 221 -14.14 -38.02 0.25
C THR D 221 -13.07 -38.43 -0.77
N GLN D 222 -12.38 -37.46 -1.39
CA GLN D 222 -11.28 -37.81 -2.28
C GLN D 222 -9.98 -38.02 -1.49
N ASP D 223 -9.14 -38.87 -2.07
CA ASP D 223 -7.81 -39.18 -1.48
C ASP D 223 -6.78 -38.13 -1.96
N ARG D 224 -7.01 -36.90 -1.56
CA ARG D 224 -6.02 -35.80 -1.79
C ARG D 224 -6.35 -34.65 -0.84
N ALA D 225 -5.41 -33.67 -0.76
CA ALA D 225 -5.60 -32.60 0.20
C ALA D 225 -6.92 -31.88 -0.16
N LYS D 226 -7.80 -31.71 0.83
CA LYS D 226 -9.03 -30.90 0.72
C LYS D 226 -8.71 -29.51 0.15
N PRO D 227 -9.32 -29.14 -0.98
CA PRO D 227 -8.96 -27.89 -1.69
C PRO D 227 -9.75 -26.71 -1.10
N VAL D 228 -9.33 -26.34 0.08
CA VAL D 228 -9.93 -25.28 0.85
C VAL D 228 -9.46 -23.93 0.27
N THR D 229 -10.29 -22.93 0.48
CA THR D 229 -9.92 -21.55 0.49
C THR D 229 -8.54 -21.39 1.16
N GLN D 230 -7.63 -20.74 0.44
CA GLN D 230 -6.23 -20.62 0.85
C GLN D 230 -5.47 -19.62 -0.03
N ILE D 231 -4.32 -19.18 0.45
CA ILE D 231 -3.41 -18.36 -0.32
C ILE D 231 -2.28 -19.26 -0.80
N VAL D 232 -1.95 -19.10 -2.07
CA VAL D 232 -0.78 -19.69 -2.61
C VAL D 232 0.12 -18.58 -3.12
N SER D 233 1.41 -18.63 -2.77
CA SER D 233 2.33 -17.49 -3.17
C SER D 233 3.57 -18.06 -3.86
N ALA D 234 4.22 -17.20 -4.63
CA ALA D 234 5.60 -17.46 -5.10
C ALA D 234 6.41 -16.18 -4.94
N GLU D 235 7.73 -16.36 -4.77
CA GLU D 235 8.50 -15.21 -4.42
C GLU D 235 9.85 -15.24 -5.11
N ALA D 236 10.46 -14.08 -5.15
CA ALA D 236 11.80 -13.91 -5.70
C ALA D 236 12.48 -12.73 -5.01
N TRP D 237 13.78 -12.86 -4.85
CA TRP D 237 14.62 -11.77 -4.36
C TRP D 237 15.28 -11.14 -5.57
N GLY D 238 15.63 -9.88 -5.44
CA GLY D 238 16.37 -9.17 -6.45
C GLY D 238 17.73 -9.82 -6.67
N ARG D 239 18.29 -9.61 -7.84
CA ARG D 239 19.55 -10.32 -8.23
C ARG D 239 20.57 -9.32 -8.74
N ALA D 240 21.71 -9.22 -8.04
CA ALA D 240 22.85 -8.32 -8.35
C ALA D 240 23.60 -8.90 -9.56
N ASP D 241 23.67 -10.24 -9.64
CA ASP D 241 24.22 -10.95 -10.85
C ASP D 241 23.23 -10.82 -12.02
#